data_1KAE
#
_entry.id   1KAE
#
_cell.length_a   54.930
_cell.length_b   107.940
_cell.length_c   156.710
_cell.angle_alpha   90.00
_cell.angle_beta   90.00
_cell.angle_gamma   90.00
#
_symmetry.space_group_name_H-M   'P 21 21 21'
#
loop_
_entity.id
_entity.type
_entity.pdbx_description
1 polymer 'Histidinol dehydrogenase'
2 non-polymer 'SULFATE ION'
3 non-polymer 'ZINC ION'
4 non-polymer 2,3-DIHYDROXY-1,4-DITHIOBUTANE
5 non-polymer L-histidinol
6 non-polymer NICOTINAMIDE-ADENINE-DINUCLEOTIDE
7 non-polymer IMIDAZOLE
8 non-polymer GLYCEROL
9 water water
#
_entity_poly.entity_id   1
_entity_poly.type   'polypeptide(L)'
_entity_poly.pdbx_seq_one_letter_code
;(MSE)SFNTIIDWNSCTAEQQRQLL(MSE)RPAISASESITRTVNDILDNVKARGDEALREYSAKFDKTTVTALKVSAEE
IAAASERLSDELKQA(MSE)AVAVKNIETFHTAQKLPPVDVETQPGVRCQQVTRPVASVGLYIPGGSAPLFSTVL(MSE)
LATPASIAGCKKVVLCSPPPIADEILYAAQLCGVQDVFNVGGAQAIAALAFGTESVPKVDKIFGPGNAFVTEAKRQVSQR
LDGAAID(MSE)PAGPSEVLVIADSGATPDFVASDLLSQAEHGPDSQVILLTPAAD(MSE)ARRVAEAVERQLAELPRAE
TARQALNASRLIVTKDLAQCVEISNQYGPEHLIIQTRNARELVDSITSAGSVFLGDWSPESAGDYASGTNHVLPTYGYTA
TCSSLGLADFQKR(MSE)TVQELSKEGFSALASTIETLAAAERLTAHKNAVTLRVNALKEQA
;
_entity_poly.pdbx_strand_id   A,B
#
# COMPACT_ATOMS: atom_id res chain seq x y z
N SER A 2 -14.97 -13.52 33.83
CA SER A 2 -13.86 -14.06 33.05
C SER A 2 -13.06 -12.83 32.64
N PHE A 3 -13.78 -11.84 32.12
CA PHE A 3 -13.16 -10.59 31.74
C PHE A 3 -12.90 -9.85 33.06
N ASN A 4 -13.61 -10.27 34.10
CA ASN A 4 -13.51 -9.67 35.44
C ASN A 4 -12.22 -9.93 36.21
N THR A 5 -11.33 -10.74 35.67
CA THR A 5 -10.09 -11.00 36.38
C THR A 5 -9.07 -9.93 35.99
N ILE A 6 -8.66 -9.13 36.95
CA ILE A 6 -7.68 -8.07 36.70
C ILE A 6 -6.31 -8.73 36.49
N ILE A 7 -5.59 -8.32 35.45
CA ILE A 7 -4.27 -8.87 35.17
C ILE A 7 -3.20 -7.93 35.73
N ASP A 8 -2.42 -8.39 36.69
CA ASP A 8 -1.36 -7.56 37.21
C ASP A 8 -0.18 -7.80 36.29
N TRP A 9 -0.05 -6.94 35.28
CA TRP A 9 0.96 -7.09 34.24
C TRP A 9 2.35 -7.52 34.68
N ASN A 10 2.91 -6.80 35.63
CA ASN A 10 4.27 -7.07 36.07
C ASN A 10 4.46 -8.34 36.92
N SER A 11 3.36 -9.00 37.29
CA SER A 11 3.41 -10.27 38.03
C SER A 11 3.41 -11.41 37.00
N CYS A 12 3.29 -11.06 35.72
CA CYS A 12 3.27 -12.07 34.65
C CYS A 12 4.64 -12.18 34.03
N THR A 13 4.98 -13.41 33.60
CA THR A 13 6.25 -13.66 32.96
C THR A 13 6.11 -13.00 31.59
N ALA A 14 7.22 -12.78 30.90
CA ALA A 14 7.14 -12.17 29.58
C ALA A 14 6.37 -13.11 28.66
N GLU A 15 6.50 -14.42 28.89
CA GLU A 15 5.76 -15.36 28.05
C GLU A 15 4.27 -15.14 28.22
N GLN A 16 3.78 -15.08 29.46
CA GLN A 16 2.34 -14.92 29.68
C GLN A 16 1.86 -13.58 29.08
N GLN A 17 2.68 -12.54 29.19
CA GLN A 17 2.31 -11.24 28.66
C GLN A 17 2.04 -11.30 27.18
N ARG A 18 2.97 -11.90 26.43
CA ARG A 18 2.78 -12.00 24.99
C ARG A 18 1.49 -12.73 24.63
N GLN A 19 1.19 -13.82 25.32
CA GLN A 19 -0.04 -14.55 25.02
C GLN A 19 -1.31 -13.76 25.35
N LEU A 20 -1.25 -12.92 26.38
CA LEU A 20 -2.42 -12.15 26.77
C LEU A 20 -2.83 -11.18 25.67
N LEU A 21 -1.83 -10.63 24.99
CA LEU A 21 -2.10 -9.64 23.93
C LEU A 21 -2.51 -10.21 22.60
N ARG A 23 -4.68 -11.65 19.57
CA ARG A 23 -6.09 -11.49 19.16
C ARG A 23 -6.65 -12.90 19.03
N PRO A 24 -8.00 -13.03 19.07
CA PRO A 24 -8.65 -14.35 18.94
C PRO A 24 -8.15 -14.96 17.63
N ALA A 25 -8.03 -16.28 17.56
CA ALA A 25 -7.50 -16.93 16.36
C ALA A 25 -8.30 -16.67 15.07
N ILE A 26 -7.54 -16.52 13.98
CA ILE A 26 -8.07 -16.30 12.63
C ILE A 26 -7.19 -17.17 11.72
N SER A 27 -7.58 -18.43 11.56
CA SER A 27 -6.80 -19.38 10.76
C SER A 27 -7.25 -19.65 9.32
N ALA A 28 -8.47 -19.25 8.96
CA ALA A 28 -8.98 -19.47 7.59
C ALA A 28 -8.72 -20.92 7.10
N SER A 29 -9.71 -21.79 7.25
CA SER A 29 -9.60 -23.19 6.85
C SER A 29 -9.25 -23.46 5.39
N GLU A 30 -8.91 -24.72 5.09
CA GLU A 30 -8.58 -25.15 3.73
C GLU A 30 -9.92 -25.40 3.07
N SER A 31 -10.93 -25.62 3.89
CA SER A 31 -12.29 -25.84 3.43
C SER A 31 -12.70 -24.54 2.75
N ILE A 32 -12.64 -23.44 3.51
CA ILE A 32 -13.00 -22.13 3.00
C ILE A 32 -12.21 -21.71 1.77
N THR A 33 -10.91 -21.97 1.76
CA THR A 33 -10.04 -21.60 0.64
C THR A 33 -10.36 -22.27 -0.71
N ARG A 34 -10.73 -23.54 -0.66
CA ARG A 34 -11.05 -24.26 -1.89
C ARG A 34 -12.38 -23.76 -2.43
N THR A 35 -13.33 -23.57 -1.53
CA THR A 35 -14.64 -23.08 -1.89
C THR A 35 -14.54 -21.73 -2.58
N VAL A 36 -13.72 -20.84 -2.03
CA VAL A 36 -13.55 -19.52 -2.62
C VAL A 36 -12.83 -19.63 -3.96
N ASN A 37 -11.88 -20.55 -4.05
CA ASN A 37 -11.15 -20.69 -5.31
C ASN A 37 -12.07 -21.14 -6.46
N ASP A 38 -13.05 -21.98 -6.13
CA ASP A 38 -14.02 -22.49 -7.09
C ASP A 38 -14.99 -21.39 -7.51
N ILE A 39 -15.49 -20.65 -6.52
CA ILE A 39 -16.40 -19.55 -6.80
C ILE A 39 -15.70 -18.55 -7.71
N LEU A 40 -14.46 -18.16 -7.41
CA LEU A 40 -13.80 -17.21 -8.29
C LEU A 40 -13.60 -17.77 -9.70
N ASP A 41 -13.05 -18.97 -9.80
CA ASP A 41 -12.84 -19.55 -11.14
C ASP A 41 -14.15 -19.61 -11.93
N ASN A 42 -15.21 -20.07 -11.28
CA ASN A 42 -16.51 -20.17 -11.92
C ASN A 42 -17.08 -18.83 -12.36
N VAL A 43 -16.84 -17.78 -11.56
CA VAL A 43 -17.36 -16.47 -11.93
C VAL A 43 -16.57 -15.91 -13.10
N LYS A 44 -15.26 -16.11 -13.12
CA LYS A 44 -14.49 -15.57 -14.22
C LYS A 44 -14.95 -16.23 -15.51
N ALA A 45 -15.22 -17.53 -15.43
CA ALA A 45 -15.68 -18.33 -16.57
C ALA A 45 -17.11 -18.07 -16.99
N ARG A 46 -18.06 -18.36 -16.10
CA ARG A 46 -19.47 -18.24 -16.43
C ARG A 46 -20.24 -16.95 -16.09
N GLY A 47 -19.53 -15.91 -15.67
CA GLY A 47 -20.19 -14.65 -15.40
C GLY A 47 -21.53 -14.58 -14.69
N ASP A 48 -22.43 -13.73 -15.21
CA ASP A 48 -23.75 -13.52 -14.63
C ASP A 48 -24.51 -14.85 -14.39
N GLU A 49 -24.32 -15.83 -15.27
CA GLU A 49 -24.97 -17.11 -15.08
C GLU A 49 -24.54 -17.69 -13.74
N ALA A 50 -23.24 -17.65 -13.45
CA ALA A 50 -22.71 -18.16 -12.19
C ALA A 50 -23.25 -17.31 -11.03
N LEU A 51 -23.21 -15.99 -11.18
CA LEU A 51 -23.73 -15.14 -10.12
C LEU A 51 -25.15 -15.59 -9.74
N ARG A 52 -26.04 -15.69 -10.73
CA ARG A 52 -27.43 -16.08 -10.47
C ARG A 52 -27.58 -17.48 -9.84
N GLU A 53 -26.69 -18.40 -10.19
CA GLU A 53 -26.78 -19.72 -9.59
C GLU A 53 -26.51 -19.63 -8.09
N TYR A 54 -25.62 -18.74 -7.70
CA TYR A 54 -25.30 -18.55 -6.29
C TYR A 54 -26.38 -17.73 -5.61
N SER A 55 -27.09 -16.94 -6.42
CA SER A 55 -28.15 -16.09 -5.93
C SER A 55 -29.35 -16.95 -5.53
N ALA A 56 -29.22 -18.25 -5.74
CA ALA A 56 -30.29 -19.18 -5.38
C ALA A 56 -29.82 -19.95 -4.16
N LYS A 57 -28.69 -20.62 -4.30
CA LYS A 57 -28.12 -21.40 -3.20
C LYS A 57 -27.90 -20.50 -1.98
N PHE A 58 -26.75 -19.84 -1.91
CA PHE A 58 -26.38 -18.95 -0.80
C PHE A 58 -27.30 -17.73 -0.68
N ASP A 59 -28.41 -17.72 -1.40
CA ASP A 59 -29.30 -16.56 -1.40
C ASP A 59 -30.79 -16.94 -1.44
N LYS A 60 -31.67 -15.94 -1.40
CA LYS A 60 -33.11 -16.21 -1.45
C LYS A 60 -33.92 -14.93 -1.65
N THR A 61 -33.66 -14.46 -2.88
CA THR A 61 -34.22 -13.31 -3.58
C THR A 61 -34.34 -13.63 -5.10
N THR A 62 -33.61 -14.63 -5.60
CA THR A 62 -33.73 -15.01 -7.01
C THR A 62 -33.44 -13.76 -7.84
N VAL A 63 -32.19 -13.32 -7.85
CA VAL A 63 -31.84 -12.11 -8.58
C VAL A 63 -31.97 -12.22 -10.09
N THR A 64 -32.54 -11.19 -10.68
CA THR A 64 -32.70 -11.15 -12.12
C THR A 64 -31.71 -10.08 -12.57
N ALA A 65 -32.13 -8.82 -12.51
CA ALA A 65 -31.24 -7.73 -12.88
C ALA A 65 -30.24 -7.55 -11.71
N LEU A 66 -28.95 -7.57 -12.03
CA LEU A 66 -27.96 -7.41 -11.00
C LEU A 66 -27.92 -5.97 -10.52
N LYS A 67 -28.03 -5.02 -11.45
CA LYS A 67 -27.99 -3.61 -11.10
C LYS A 67 -29.32 -3.08 -10.53
N VAL A 68 -29.22 -2.39 -9.38
CA VAL A 68 -30.38 -1.82 -8.74
C VAL A 68 -30.78 -0.61 -9.58
N SER A 69 -32.07 -0.42 -9.84
CA SER A 69 -32.46 0.69 -10.71
C SER A 69 -32.57 2.02 -10.03
N ALA A 70 -32.61 3.08 -10.82
CA ALA A 70 -32.76 4.44 -10.32
C ALA A 70 -34.07 4.52 -9.51
N GLU A 71 -35.13 3.92 -10.05
CA GLU A 71 -36.46 3.90 -9.40
C GLU A 71 -36.43 3.15 -8.05
N GLU A 72 -35.67 2.06 -7.95
CA GLU A 72 -35.61 1.36 -6.67
C GLU A 72 -34.87 2.16 -5.62
N ILE A 73 -33.86 2.93 -6.04
CA ILE A 73 -33.08 3.79 -5.17
C ILE A 73 -33.93 5.00 -4.76
N ALA A 74 -34.78 5.49 -5.66
CA ALA A 74 -35.67 6.61 -5.31
C ALA A 74 -36.75 6.17 -4.29
N ALA A 75 -37.28 4.97 -4.43
CA ALA A 75 -38.32 4.52 -3.51
C ALA A 75 -37.70 4.28 -2.12
N ALA A 76 -36.47 3.78 -2.12
CA ALA A 76 -35.76 3.54 -0.87
C ALA A 76 -35.56 4.86 -0.15
N SER A 77 -35.05 5.86 -0.87
CA SER A 77 -34.78 7.15 -0.24
C SER A 77 -36.01 7.80 0.39
N GLU A 78 -37.15 7.64 -0.28
CA GLU A 78 -38.39 8.22 0.20
C GLU A 78 -38.86 7.60 1.53
N ARG A 79 -38.58 6.30 1.72
CA ARG A 79 -38.93 5.55 2.93
C ARG A 79 -38.12 5.92 4.19
N LEU A 80 -36.96 6.56 4.03
CA LEU A 80 -36.13 6.91 5.19
C LEU A 80 -36.56 8.24 5.80
N SER A 81 -36.36 8.35 7.10
CA SER A 81 -36.75 9.51 7.86
C SER A 81 -35.84 10.68 7.60
N ASP A 82 -36.37 11.89 7.75
CA ASP A 82 -35.55 13.06 7.55
C ASP A 82 -34.47 13.11 8.63
N GLU A 83 -34.75 12.53 9.80
CA GLU A 83 -33.78 12.56 10.88
C GLU A 83 -32.56 11.76 10.46
N LEU A 84 -32.78 10.56 9.91
CA LEU A 84 -31.66 9.75 9.47
C LEU A 84 -30.93 10.41 8.27
N LYS A 85 -31.66 10.90 7.27
CA LYS A 85 -31.01 11.55 6.13
C LYS A 85 -30.12 12.68 6.57
N GLN A 86 -30.62 13.49 7.51
CA GLN A 86 -29.88 14.63 8.00
C GLN A 86 -28.63 14.17 8.76
N ALA A 87 -28.73 13.11 9.57
CA ALA A 87 -27.53 12.62 10.30
C ALA A 87 -26.49 12.12 9.29
N ALA A 89 -26.07 13.32 6.33
CA ALA A 89 -25.45 14.49 5.70
C ALA A 89 -24.35 15.08 6.57
N VAL A 90 -24.56 15.14 7.89
CA VAL A 90 -23.56 15.67 8.82
C VAL A 90 -22.26 14.85 8.74
N ALA A 91 -22.41 13.53 8.77
CA ALA A 91 -21.28 12.62 8.73
C ALA A 91 -20.52 12.77 7.43
N VAL A 92 -21.24 12.75 6.31
CA VAL A 92 -20.61 12.89 5.01
C VAL A 92 -19.84 14.21 4.91
N LYS A 93 -20.43 15.30 5.38
CA LYS A 93 -19.75 16.59 5.32
C LYS A 93 -18.45 16.59 6.12
N ASN A 94 -18.45 15.97 7.30
CA ASN A 94 -17.26 15.93 8.14
C ASN A 94 -16.22 15.00 7.53
N ILE A 95 -16.66 13.85 7.01
CA ILE A 95 -15.72 12.90 6.38
C ILE A 95 -15.10 13.59 5.14
N GLU A 96 -15.93 14.32 4.41
CA GLU A 96 -15.49 15.05 3.22
C GLU A 96 -14.45 16.10 3.63
N THR A 97 -14.74 16.86 4.68
CA THR A 97 -13.80 17.88 5.14
C THR A 97 -12.45 17.31 5.52
N PHE A 98 -12.45 16.26 6.36
CA PHE A 98 -11.18 15.68 6.77
C PHE A 98 -10.40 15.03 5.62
N HIS A 99 -11.08 14.34 4.73
CA HIS A 99 -10.34 13.71 3.66
C HIS A 99 -9.86 14.71 2.60
N THR A 100 -10.60 15.79 2.42
CA THR A 100 -10.17 16.83 1.48
C THR A 100 -8.88 17.48 1.97
N ALA A 101 -8.76 17.60 3.30
CA ALA A 101 -7.59 18.16 3.92
C ALA A 101 -6.34 17.27 3.72
N GLN A 102 -6.53 16.03 3.24
CA GLN A 102 -5.43 15.09 2.99
C GLN A 102 -4.79 15.21 1.58
N LYS A 103 -5.37 16.05 0.71
CA LYS A 103 -4.85 16.24 -0.65
C LYS A 103 -3.39 16.64 -0.58
N LEU A 104 -2.52 15.93 -1.32
CA LEU A 104 -1.08 16.24 -1.29
C LEU A 104 -0.73 17.57 -1.96
N PRO A 105 0.11 18.40 -1.31
CA PRO A 105 0.44 19.65 -1.97
C PRO A 105 1.45 19.33 -3.13
N PRO A 106 1.67 20.29 -4.04
CA PRO A 106 2.62 20.00 -5.14
C PRO A 106 4.02 19.68 -4.68
N VAL A 107 4.65 18.78 -5.41
CA VAL A 107 6.06 18.45 -5.14
C VAL A 107 6.69 18.75 -6.50
N ASP A 108 7.55 19.77 -6.53
CA ASP A 108 8.15 20.21 -7.80
C ASP A 108 9.40 20.94 -7.42
N VAL A 109 10.55 20.30 -7.59
CA VAL A 109 11.79 20.88 -7.18
C VAL A 109 12.94 20.62 -8.14
N GLU A 110 13.91 21.53 -8.19
CA GLU A 110 15.06 21.26 -9.03
C GLU A 110 16.10 20.69 -8.09
N THR A 111 16.39 19.41 -8.20
CA THR A 111 17.35 18.82 -7.29
C THR A 111 18.66 19.55 -7.47
N GLN A 112 18.95 19.95 -8.70
CA GLN A 112 20.09 20.81 -9.01
C GLN A 112 19.61 21.64 -10.19
N PRO A 113 20.28 22.75 -10.50
CA PRO A 113 19.81 23.57 -11.63
C PRO A 113 19.55 22.78 -12.94
N GLY A 114 18.36 22.95 -13.51
CA GLY A 114 18.07 22.26 -14.77
C GLY A 114 17.63 20.81 -14.60
N VAL A 115 17.42 20.33 -13.38
CA VAL A 115 16.96 18.94 -13.17
C VAL A 115 15.70 19.05 -12.36
N ARG A 116 14.57 19.08 -13.05
CA ARG A 116 13.28 19.29 -12.39
C ARG A 116 12.52 18.00 -12.11
N CYS A 117 12.32 17.70 -10.83
CA CYS A 117 11.61 16.47 -10.46
C CYS A 117 10.31 16.78 -9.79
N GLN A 118 9.27 16.07 -10.18
CA GLN A 118 7.97 16.27 -9.59
C GLN A 118 7.31 14.96 -9.16
N GLN A 119 6.41 15.06 -8.20
CA GLN A 119 5.60 13.92 -7.80
C GLN A 119 4.18 14.48 -7.96
N VAL A 120 3.32 13.79 -8.70
CA VAL A 120 1.94 14.24 -8.91
C VAL A 120 1.09 13.01 -8.55
N THR A 121 -0.22 13.20 -8.41
CA THR A 121 -1.06 12.07 -8.06
C THR A 121 -2.08 11.86 -9.17
N ARG A 122 -2.56 10.63 -9.29
CA ARG A 122 -3.58 10.26 -10.25
C ARG A 122 -4.54 9.32 -9.50
N PRO A 123 -5.85 9.42 -9.77
CA PRO A 123 -6.81 8.55 -9.07
C PRO A 123 -6.73 7.10 -9.52
N VAL A 124 -7.18 6.20 -8.68
CA VAL A 124 -7.24 4.82 -9.13
C VAL A 124 -8.50 5.00 -10.02
N ALA A 125 -8.42 4.56 -11.27
CA ALA A 125 -9.50 4.73 -12.23
C ALA A 125 -10.83 4.09 -11.88
N SER A 126 -10.83 2.84 -11.41
CA SER A 126 -12.11 2.22 -11.06
C SER A 126 -11.99 1.50 -9.75
N VAL A 127 -12.97 1.73 -8.86
CA VAL A 127 -12.98 1.07 -7.56
C VAL A 127 -14.35 0.42 -7.30
N GLY A 128 -14.33 -0.76 -6.69
CA GLY A 128 -15.54 -1.48 -6.36
C GLY A 128 -15.54 -1.52 -4.85
N LEU A 129 -16.70 -1.30 -4.24
CA LEU A 129 -16.88 -1.28 -2.78
C LEU A 129 -17.81 -2.40 -2.34
N TYR A 130 -17.38 -3.23 -1.39
CA TYR A 130 -18.23 -4.32 -0.89
C TYR A 130 -18.81 -3.91 0.47
N ILE A 131 -20.12 -4.10 0.63
CA ILE A 131 -20.78 -3.74 1.90
C ILE A 131 -21.58 -4.93 2.36
N PRO A 132 -21.28 -5.51 3.55
CA PRO A 132 -22.07 -6.66 3.99
C PRO A 132 -23.55 -6.25 4.18
N GLY A 133 -24.46 -7.19 4.02
CA GLY A 133 -25.88 -6.84 4.15
C GLY A 133 -26.61 -7.21 5.45
N GLY A 134 -27.85 -7.68 5.32
CA GLY A 134 -28.63 -8.02 6.50
C GLY A 134 -29.73 -6.99 6.65
N SER A 135 -30.60 -7.19 7.63
CA SER A 135 -31.69 -6.25 7.84
C SER A 135 -31.23 -4.95 8.50
N ALA A 136 -30.07 -4.99 9.14
CA ALA A 136 -29.50 -3.80 9.82
C ALA A 136 -28.04 -3.63 9.41
N PRO A 137 -27.77 -3.40 8.12
CA PRO A 137 -26.37 -3.26 7.70
C PRO A 137 -25.73 -2.00 8.24
N LEU A 138 -24.39 -2.03 8.26
CA LEU A 138 -23.59 -0.90 8.74
C LEU A 138 -23.36 -0.01 7.54
N PHE A 139 -24.41 0.70 7.11
CA PHE A 139 -24.33 1.63 5.97
C PHE A 139 -23.29 2.72 6.16
N SER A 140 -22.85 2.94 7.39
CA SER A 140 -21.87 3.99 7.64
C SER A 140 -20.61 3.69 6.83
N THR A 141 -20.29 2.42 6.61
CA THR A 141 -19.07 2.10 5.87
C THR A 141 -19.17 2.61 4.43
N VAL A 142 -20.40 2.65 3.88
CA VAL A 142 -20.58 3.19 2.53
C VAL A 142 -20.05 4.63 2.50
N LEU A 143 -20.37 5.40 3.53
CA LEU A 143 -19.92 6.80 3.60
C LEU A 143 -18.39 6.93 3.69
N LEU A 145 -16.12 4.71 2.58
CA LEU A 145 -15.47 4.26 1.35
C LEU A 145 -15.77 5.15 0.14
N ALA A 146 -17.05 5.47 -0.09
CA ALA A 146 -17.44 6.28 -1.24
C ALA A 146 -16.97 7.72 -1.20
N THR A 147 -16.95 8.34 -0.02
CA THR A 147 -16.53 9.74 0.09
C THR A 147 -15.08 9.99 -0.36
N PRO A 148 -14.11 9.24 0.14
CA PRO A 148 -12.73 9.48 -0.31
C PRO A 148 -12.62 9.17 -1.82
N ALA A 149 -13.35 8.15 -2.30
CA ALA A 149 -13.27 7.85 -3.73
C ALA A 149 -13.73 9.00 -4.56
N SER A 150 -14.71 9.74 -4.05
CA SER A 150 -15.28 10.88 -4.75
C SER A 150 -14.29 12.00 -4.79
N ILE A 151 -13.72 12.32 -3.65
CA ILE A 151 -12.71 13.38 -3.53
C ILE A 151 -11.47 13.10 -4.39
N ALA A 152 -11.10 11.83 -4.52
CA ALA A 152 -9.92 11.42 -5.28
C ALA A 152 -10.14 11.53 -6.79
N GLY A 153 -11.40 11.56 -7.21
CA GLY A 153 -11.69 11.66 -8.64
C GLY A 153 -11.74 10.31 -9.35
N CYS A 154 -11.94 9.23 -8.61
CA CYS A 154 -12.05 7.91 -9.23
C CYS A 154 -13.15 8.01 -10.30
N LYS A 155 -12.84 7.61 -11.53
CA LYS A 155 -13.80 7.70 -12.63
C LYS A 155 -15.01 6.77 -12.50
N LYS A 156 -14.80 5.54 -12.06
CA LYS A 156 -15.89 4.59 -11.86
C LYS A 156 -15.90 4.19 -10.36
N VAL A 157 -17.06 4.21 -9.73
CA VAL A 157 -17.20 3.81 -8.31
C VAL A 157 -18.45 2.93 -8.25
N VAL A 158 -18.30 1.63 -8.03
CA VAL A 158 -19.48 0.79 -7.95
C VAL A 158 -19.50 0.10 -6.60
N LEU A 159 -20.67 -0.47 -6.27
CA LEU A 159 -20.85 -1.10 -4.94
C LEU A 159 -21.65 -2.39 -5.04
N CYS A 160 -21.20 -3.42 -4.32
CA CYS A 160 -21.93 -4.69 -4.27
C CYS A 160 -22.38 -4.96 -2.85
N SER A 161 -23.59 -5.47 -2.70
CA SER A 161 -24.11 -5.78 -1.36
C SER A 161 -25.15 -6.88 -1.59
N PRO A 162 -25.18 -7.90 -0.71
CA PRO A 162 -26.14 -9.02 -0.86
C PRO A 162 -27.61 -8.59 -0.90
N PRO A 163 -28.39 -9.16 -1.84
CA PRO A 163 -29.80 -8.76 -1.90
C PRO A 163 -30.59 -9.45 -0.80
N PRO A 164 -31.66 -8.82 -0.30
CA PRO A 164 -32.17 -7.51 -0.68
C PRO A 164 -31.31 -6.45 0.02
N ILE A 165 -30.96 -5.41 -0.72
CA ILE A 165 -30.13 -4.32 -0.17
C ILE A 165 -31.00 -3.30 0.56
N ALA A 166 -30.72 -3.14 1.85
CA ALA A 166 -31.45 -2.22 2.73
C ALA A 166 -31.54 -0.84 2.14
N ASP A 167 -32.63 -0.13 2.42
CA ASP A 167 -32.83 1.25 1.97
C ASP A 167 -31.66 2.13 2.41
N GLU A 168 -31.15 1.87 3.61
CA GLU A 168 -30.06 2.66 4.17
C GLU A 168 -28.78 2.65 3.31
N ILE A 169 -28.43 1.50 2.77
CA ILE A 169 -27.25 1.38 1.89
C ILE A 169 -27.53 2.10 0.57
N LEU A 170 -28.73 1.89 0.00
CA LEU A 170 -29.12 2.55 -1.25
C LEU A 170 -29.05 4.04 -1.13
N TYR A 171 -29.54 4.57 -0.02
CA TYR A 171 -29.51 6.02 0.17
C TYR A 171 -28.09 6.55 0.36
N ALA A 172 -27.29 5.84 1.15
CA ALA A 172 -25.91 6.23 1.40
C ALA A 172 -25.11 6.24 0.08
N ALA A 173 -25.31 5.22 -0.73
CA ALA A 173 -24.59 5.13 -2.00
C ALA A 173 -24.94 6.32 -2.88
N GLN A 174 -26.24 6.60 -3.05
CA GLN A 174 -26.67 7.74 -3.84
C GLN A 174 -26.12 9.05 -3.24
N LEU A 175 -26.16 9.18 -1.93
CA LEU A 175 -25.66 10.41 -1.31
C LEU A 175 -24.17 10.67 -1.61
N CYS A 176 -23.38 9.61 -1.72
CA CYS A 176 -21.95 9.76 -1.96
C CYS A 176 -21.54 9.63 -3.42
N GLY A 177 -22.49 9.69 -4.34
CA GLY A 177 -22.14 9.62 -5.76
C GLY A 177 -21.81 8.27 -6.36
N VAL A 178 -22.15 7.17 -5.69
CA VAL A 178 -21.86 5.84 -6.20
C VAL A 178 -22.66 5.68 -7.50
N GLN A 179 -21.99 5.21 -8.56
CA GLN A 179 -22.66 5.07 -9.85
C GLN A 179 -23.51 3.85 -10.06
N ASP A 180 -23.05 2.71 -9.59
CA ASP A 180 -23.81 1.50 -9.80
C ASP A 180 -23.81 0.69 -8.51
N VAL A 181 -24.95 0.14 -8.14
CA VAL A 181 -25.10 -0.69 -6.95
C VAL A 181 -25.57 -2.01 -7.51
N PHE A 182 -24.94 -3.10 -7.10
CA PHE A 182 -25.27 -4.43 -7.58
C PHE A 182 -25.74 -5.39 -6.50
N ASN A 183 -26.75 -6.18 -6.88
CA ASN A 183 -27.34 -7.19 -6.02
C ASN A 183 -26.51 -8.47 -6.03
N VAL A 184 -25.35 -8.47 -5.37
CA VAL A 184 -24.54 -9.67 -5.31
C VAL A 184 -23.70 -9.60 -4.05
N GLY A 185 -23.51 -10.72 -3.38
CA GLY A 185 -22.73 -10.68 -2.15
C GLY A 185 -21.67 -11.76 -2.04
N GLY A 186 -20.99 -11.84 -0.90
CA GLY A 186 -20.01 -12.89 -0.69
C GLY A 186 -18.81 -12.95 -1.61
N ALA A 187 -18.20 -14.12 -1.67
CA ALA A 187 -17.04 -14.31 -2.52
C ALA A 187 -17.41 -14.08 -3.98
N GLN A 188 -18.64 -14.36 -4.37
CA GLN A 188 -18.97 -14.14 -5.77
C GLN A 188 -18.99 -12.66 -6.12
N ALA A 189 -19.36 -11.82 -5.16
CA ALA A 189 -19.37 -10.39 -5.46
C ALA A 189 -17.93 -9.93 -5.67
N ILE A 190 -17.00 -10.35 -4.81
CA ILE A 190 -15.60 -9.96 -4.98
C ILE A 190 -15.07 -10.46 -6.34
N ALA A 191 -15.44 -11.69 -6.71
CA ALA A 191 -14.99 -12.22 -7.97
C ALA A 191 -15.53 -11.40 -9.10
N ALA A 192 -16.81 -11.00 -9.03
CA ALA A 192 -17.43 -10.18 -10.10
C ALA A 192 -16.71 -8.84 -10.27
N LEU A 193 -16.35 -8.24 -9.16
CA LEU A 193 -15.63 -6.98 -9.20
C LEU A 193 -14.19 -7.18 -9.73
N ALA A 194 -13.55 -8.29 -9.38
CA ALA A 194 -12.16 -8.48 -9.81
C ALA A 194 -12.02 -8.89 -11.27
N PHE A 195 -12.95 -9.74 -11.75
CA PHE A 195 -12.93 -10.24 -13.14
C PHE A 195 -13.88 -9.51 -14.07
N GLY A 196 -14.97 -9.03 -13.52
CA GLY A 196 -15.98 -8.35 -14.32
C GLY A 196 -16.95 -9.42 -14.85
N THR A 197 -18.18 -9.04 -15.13
CA THR A 197 -19.15 -9.97 -15.74
C THR A 197 -19.92 -9.18 -16.78
N GLU A 198 -21.01 -9.72 -17.32
CA GLU A 198 -21.75 -8.96 -18.31
C GLU A 198 -22.38 -7.75 -17.66
N SER A 199 -22.65 -7.85 -16.36
CA SER A 199 -23.30 -6.78 -15.63
C SER A 199 -22.39 -6.00 -14.70
N VAL A 200 -21.44 -6.68 -14.06
CA VAL A 200 -20.55 -5.99 -13.11
C VAL A 200 -19.21 -5.68 -13.75
N PRO A 201 -18.77 -4.42 -13.69
CA PRO A 201 -17.50 -4.05 -14.30
C PRO A 201 -16.29 -4.56 -13.53
N LYS A 202 -15.19 -4.80 -14.24
CA LYS A 202 -13.95 -5.24 -13.61
C LYS A 202 -13.37 -3.92 -13.07
N VAL A 203 -13.01 -3.90 -11.78
CA VAL A 203 -12.48 -2.67 -11.24
C VAL A 203 -11.01 -2.86 -10.94
N ASP A 204 -10.28 -1.76 -10.73
CA ASP A 204 -8.83 -1.86 -10.42
C ASP A 204 -8.54 -2.22 -8.96
N LYS A 205 -9.43 -1.82 -8.09
CA LYS A 205 -9.21 -2.04 -6.65
C LYS A 205 -10.52 -2.23 -5.92
N ILE A 206 -10.51 -3.16 -4.98
CA ILE A 206 -11.67 -3.51 -4.21
C ILE A 206 -11.46 -3.18 -2.73
N PHE A 207 -12.49 -2.58 -2.12
CA PHE A 207 -12.50 -2.15 -0.73
C PHE A 207 -13.69 -2.73 0.06
N GLY A 208 -13.52 -2.91 1.37
CA GLY A 208 -14.69 -3.32 2.13
C GLY A 208 -14.53 -4.52 3.00
N PRO A 209 -15.21 -4.55 4.16
CA PRO A 209 -15.15 -5.64 5.11
C PRO A 209 -16.09 -6.76 4.74
N GLY A 210 -15.91 -7.93 5.38
CA GLY A 210 -16.80 -9.04 5.09
C GLY A 210 -16.53 -10.26 5.93
N ASN A 211 -17.40 -11.26 5.78
CA ASN A 211 -17.25 -12.51 6.50
C ASN A 211 -16.01 -13.27 6.02
N ALA A 212 -15.84 -14.51 6.48
CA ALA A 212 -14.66 -15.26 6.10
C ALA A 212 -14.51 -15.43 4.59
N PHE A 213 -15.61 -15.74 3.90
CA PHE A 213 -15.56 -15.96 2.45
C PHE A 213 -15.19 -14.70 1.73
N VAL A 214 -15.83 -13.60 2.10
CA VAL A 214 -15.49 -12.32 1.47
C VAL A 214 -14.01 -12.01 1.68
N THR A 215 -13.55 -12.17 2.93
CA THR A 215 -12.16 -11.86 3.22
C THR A 215 -11.17 -12.72 2.43
N GLU A 216 -11.44 -14.03 2.34
CA GLU A 216 -10.58 -14.94 1.59
C GLU A 216 -10.63 -14.63 0.09
N ALA A 217 -11.80 -14.26 -0.41
CA ALA A 217 -11.92 -13.91 -1.82
C ALA A 217 -11.07 -12.70 -2.11
N LYS A 218 -11.11 -11.72 -1.20
CA LYS A 218 -10.31 -10.54 -1.42
C LYS A 218 -8.83 -10.92 -1.40
N ARG A 219 -8.44 -11.78 -0.46
CA ARG A 219 -7.05 -12.17 -0.39
C ARG A 219 -6.67 -12.89 -1.67
N GLN A 220 -7.53 -13.79 -2.14
CA GLN A 220 -7.21 -14.51 -3.37
C GLN A 220 -7.12 -13.65 -4.63
N VAL A 221 -8.08 -12.77 -4.86
CA VAL A 221 -8.00 -11.96 -6.06
C VAL A 221 -6.84 -10.97 -5.99
N SER A 222 -6.36 -10.68 -4.78
CA SER A 222 -5.25 -9.75 -4.67
C SER A 222 -3.94 -10.44 -5.08
N GLN A 223 -3.91 -11.77 -4.96
CA GLN A 223 -2.73 -12.56 -5.30
C GLN A 223 -2.73 -13.15 -6.72
N ARG A 224 -3.82 -12.94 -7.45
CA ARG A 224 -3.96 -13.43 -8.82
C ARG A 224 -3.67 -12.32 -9.82
N LEU A 225 -2.96 -12.68 -10.89
CA LEU A 225 -2.67 -11.70 -11.92
C LEU A 225 -3.95 -11.36 -12.68
N ASP A 226 -4.91 -12.29 -12.70
CA ASP A 226 -6.16 -12.01 -13.39
C ASP A 226 -7.15 -11.32 -12.42
N GLY A 227 -6.64 -10.82 -11.29
CA GLY A 227 -7.49 -10.18 -10.29
C GLY A 227 -7.46 -8.66 -10.15
N ALA A 228 -7.61 -8.19 -8.91
CA ALA A 228 -7.62 -6.76 -8.59
C ALA A 228 -6.86 -6.47 -7.31
N ALA A 229 -6.43 -5.24 -7.12
CA ALA A 229 -5.74 -4.91 -5.87
C ALA A 229 -6.84 -4.75 -4.80
N ILE A 230 -6.49 -4.91 -3.52
CA ILE A 230 -7.47 -4.72 -2.47
C ILE A 230 -6.95 -3.63 -1.50
N ASP A 231 -7.83 -3.12 -0.63
CA ASP A 231 -7.40 -2.09 0.32
C ASP A 231 -6.49 -2.53 1.43
N PRO A 233 -6.37 -6.12 4.73
CA PRO A 233 -7.29 -7.12 5.29
C PRO A 233 -8.21 -6.54 6.36
N ALA A 234 -9.51 -6.90 6.31
CA ALA A 234 -10.53 -6.44 7.27
C ALA A 234 -10.54 -7.38 8.48
N GLY A 235 -10.68 -6.82 9.69
CA GLY A 235 -10.66 -7.63 10.90
C GLY A 235 -11.73 -7.16 11.89
N PRO A 236 -12.03 -7.96 12.92
CA PRO A 236 -13.05 -7.57 13.93
C PRO A 236 -12.59 -6.28 14.60
N SER A 237 -13.54 -5.39 14.90
CA SER A 237 -13.22 -4.11 15.55
C SER A 237 -12.53 -4.38 16.88
N GLU A 238 -11.47 -3.60 17.17
CA GLU A 238 -10.71 -3.74 18.42
C GLU A 238 -10.61 -2.36 19.01
N VAL A 239 -10.48 -2.30 20.34
CA VAL A 239 -10.25 -1.02 20.98
C VAL A 239 -9.37 -1.23 22.21
N LEU A 240 -8.40 -0.34 22.39
CA LEU A 240 -7.53 -0.37 23.56
C LEU A 240 -7.71 0.98 24.22
N VAL A 241 -8.02 0.97 25.51
CA VAL A 241 -8.20 2.23 26.23
C VAL A 241 -7.09 2.36 27.23
N ILE A 242 -6.50 3.55 27.31
CA ILE A 242 -5.48 3.79 28.31
C ILE A 242 -6.23 4.74 29.26
N ALA A 243 -6.30 4.40 30.54
CA ALA A 243 -7.00 5.25 31.50
C ALA A 243 -6.19 5.55 32.74
N ASP A 244 -6.16 6.81 33.17
CA ASP A 244 -5.44 7.08 34.44
C ASP A 244 -6.50 7.17 35.58
N SER A 245 -6.08 7.51 36.80
CA SER A 245 -7.03 7.63 37.90
C SER A 245 -8.11 8.72 37.73
N GLY A 246 -7.96 9.57 36.72
CA GLY A 246 -8.95 10.61 36.51
C GLY A 246 -10.06 10.19 35.56
N ALA A 247 -9.94 9.00 34.99
CA ALA A 247 -10.94 8.52 34.04
C ALA A 247 -12.26 8.17 34.75
N THR A 248 -13.33 8.16 33.97
CA THR A 248 -14.66 7.83 34.48
C THR A 248 -14.91 6.36 34.08
N PRO A 249 -15.02 5.44 35.07
CA PRO A 249 -15.23 4.02 34.74
C PRO A 249 -16.35 3.77 33.76
N ASP A 250 -17.47 4.45 33.93
CA ASP A 250 -18.56 4.20 33.02
C ASP A 250 -18.21 4.58 31.59
N PHE A 251 -17.42 5.62 31.37
CA PHE A 251 -17.07 6.01 30.00
C PHE A 251 -16.17 4.95 29.40
N VAL A 252 -15.19 4.47 30.19
CA VAL A 252 -14.23 3.46 29.71
C VAL A 252 -14.99 2.19 29.30
N ALA A 253 -15.87 1.74 30.21
CA ALA A 253 -16.66 0.54 30.01
C ALA A 253 -17.51 0.62 28.76
N SER A 254 -18.12 1.79 28.53
CA SER A 254 -18.99 1.94 27.40
C SER A 254 -18.21 1.89 26.10
N ASP A 255 -16.96 2.38 26.12
CA ASP A 255 -16.15 2.35 24.90
C ASP A 255 -15.74 0.90 24.64
N LEU A 256 -15.32 0.17 25.69
CA LEU A 256 -14.94 -1.24 25.52
C LEU A 256 -16.14 -1.99 24.95
N LEU A 257 -17.32 -1.78 25.55
CA LEU A 257 -18.53 -2.48 25.09
C LEU A 257 -18.97 -2.09 23.72
N SER A 258 -18.81 -0.82 23.34
CA SER A 258 -19.19 -0.36 22.02
C SER A 258 -18.49 -1.21 20.97
N GLN A 259 -17.24 -1.61 21.18
CA GLN A 259 -16.63 -2.45 20.14
C GLN A 259 -16.84 -3.94 20.39
N ALA A 260 -16.99 -4.35 21.65
CA ALA A 260 -17.24 -5.77 21.93
C ALA A 260 -18.56 -6.22 21.27
N GLU A 261 -19.53 -5.34 21.13
CA GLU A 261 -20.83 -5.74 20.49
C GLU A 261 -20.77 -6.02 19.00
N HIS A 262 -19.68 -5.61 18.34
CA HIS A 262 -19.57 -5.85 16.90
C HIS A 262 -19.65 -7.34 16.51
N GLY A 263 -19.05 -8.20 17.33
CA GLY A 263 -19.01 -9.63 17.00
C GLY A 263 -18.20 -10.42 17.99
N PRO A 264 -18.31 -11.76 17.98
CA PRO A 264 -17.57 -12.59 18.95
C PRO A 264 -16.05 -12.53 18.95
N ASP A 265 -15.44 -12.08 17.87
CA ASP A 265 -13.99 -12.01 17.83
C ASP A 265 -13.37 -10.62 18.04
N SER A 266 -14.19 -9.65 18.41
CA SER A 266 -13.69 -8.31 18.65
C SER A 266 -12.87 -8.42 19.91
N GLN A 267 -11.81 -7.62 20.04
CA GLN A 267 -11.03 -7.68 21.26
C GLN A 267 -10.93 -6.29 21.86
N VAL A 268 -11.13 -6.16 23.17
CA VAL A 268 -11.05 -4.86 23.80
C VAL A 268 -10.09 -5.01 24.94
N ILE A 269 -9.28 -3.98 25.15
CA ILE A 269 -8.26 -4.02 26.19
C ILE A 269 -8.25 -2.72 26.96
N LEU A 270 -8.08 -2.84 28.28
CA LEU A 270 -7.94 -1.65 29.14
C LEU A 270 -6.52 -1.74 29.69
N LEU A 271 -5.77 -0.63 29.67
CA LEU A 271 -4.46 -0.57 30.28
C LEU A 271 -4.55 0.60 31.27
N THR A 272 -4.27 0.36 32.55
CA THR A 272 -4.37 1.44 33.53
C THR A 272 -3.36 1.16 34.63
N PRO A 273 -2.79 2.21 35.23
CA PRO A 273 -1.81 2.00 36.32
C PRO A 273 -2.44 1.79 37.71
N ALA A 274 -3.78 1.85 37.79
CA ALA A 274 -4.50 1.74 39.06
C ALA A 274 -5.38 0.56 39.09
N ALA A 275 -5.14 -0.35 40.03
CA ALA A 275 -6.00 -1.53 40.14
C ALA A 275 -7.43 -1.14 40.41
N ASP A 276 -7.63 -0.08 41.17
CA ASP A 276 -8.99 0.37 41.51
C ASP A 276 -9.74 0.76 40.24
N ALA A 278 -9.20 -0.49 37.26
CA ALA A 278 -9.49 -1.73 36.53
C ALA A 278 -10.71 -2.43 37.12
N ARG A 279 -10.78 -2.54 38.45
CA ARG A 279 -11.90 -3.18 39.13
C ARG A 279 -13.23 -2.45 38.87
N ARG A 280 -13.19 -1.12 38.91
CA ARG A 280 -14.37 -0.29 38.68
C ARG A 280 -14.86 -0.40 37.22
N VAL A 281 -13.92 -0.54 36.29
CA VAL A 281 -14.27 -0.70 34.89
C VAL A 281 -14.89 -2.10 34.72
N ALA A 282 -14.35 -3.13 35.35
CA ALA A 282 -14.92 -4.47 35.22
C ALA A 282 -16.35 -4.48 35.75
N GLU A 283 -16.59 -3.80 36.86
CA GLU A 283 -17.95 -3.75 37.41
C GLU A 283 -18.87 -2.99 36.49
N ALA A 284 -18.39 -1.86 35.95
CA ALA A 284 -19.19 -1.07 35.02
C ALA A 284 -19.50 -1.89 33.74
N VAL A 285 -18.54 -2.63 33.22
CA VAL A 285 -18.79 -3.45 32.04
C VAL A 285 -19.89 -4.45 32.34
N GLU A 286 -19.79 -5.13 33.48
CA GLU A 286 -20.79 -6.13 33.85
C GLU A 286 -22.19 -5.53 33.93
N ARG A 287 -22.36 -4.36 34.57
CA ARG A 287 -23.71 -3.81 34.65
C ARG A 287 -24.22 -3.25 33.34
N GLN A 288 -23.35 -2.66 32.51
CA GLN A 288 -23.76 -2.12 31.24
C GLN A 288 -24.06 -3.26 30.24
N LEU A 289 -23.32 -4.36 30.35
CA LEU A 289 -23.53 -5.50 29.46
C LEU A 289 -24.95 -6.02 29.56
N ALA A 290 -25.45 -6.11 30.79
CA ALA A 290 -26.78 -6.62 31.08
C ALA A 290 -27.91 -5.83 30.40
N GLU A 291 -27.67 -4.56 30.04
CA GLU A 291 -28.70 -3.74 29.35
C GLU A 291 -28.60 -3.77 27.85
N LEU A 292 -27.68 -4.53 27.30
CA LEU A 292 -27.48 -4.54 25.87
C LEU A 292 -28.24 -5.59 25.11
N PRO A 293 -28.94 -5.20 24.03
CA PRO A 293 -29.68 -6.19 23.25
C PRO A 293 -28.69 -7.23 22.73
N ARG A 294 -27.49 -6.79 22.38
CA ARG A 294 -26.44 -7.69 21.85
C ARG A 294 -25.51 -8.26 22.94
N ALA A 295 -25.99 -8.39 24.17
CA ALA A 295 -25.16 -8.87 25.23
C ALA A 295 -24.51 -10.23 24.96
N GLU A 296 -25.23 -11.10 24.25
CA GLU A 296 -24.69 -12.43 23.97
C GLU A 296 -23.39 -12.33 23.16
N THR A 297 -23.44 -11.57 22.08
CA THR A 297 -22.26 -11.36 21.24
C THR A 297 -21.13 -10.66 22.02
N ALA A 298 -21.48 -9.62 22.77
CA ALA A 298 -20.44 -8.89 23.52
C ALA A 298 -19.77 -9.78 24.56
N ARG A 299 -20.56 -10.57 25.30
CA ARG A 299 -20.00 -11.49 26.29
C ARG A 299 -18.97 -12.39 25.60
N GLN A 300 -19.26 -12.86 24.39
CA GLN A 300 -18.30 -13.69 23.66
C GLN A 300 -17.01 -12.91 23.37
N ALA A 301 -17.14 -11.70 22.88
CA ALA A 301 -15.93 -10.89 22.64
C ALA A 301 -15.17 -10.68 23.94
N LEU A 302 -15.90 -10.55 25.02
CA LEU A 302 -15.21 -10.27 26.29
C LEU A 302 -14.32 -11.42 26.79
N ASN A 303 -14.50 -12.62 26.24
CA ASN A 303 -13.70 -13.77 26.62
C ASN A 303 -12.23 -13.53 26.28
N ALA A 304 -11.98 -12.78 25.20
CA ALA A 304 -10.64 -12.44 24.73
C ALA A 304 -10.22 -11.06 25.23
N SER A 305 -11.06 -10.42 26.05
CA SER A 305 -10.75 -9.07 26.51
C SER A 305 -9.75 -9.10 27.64
N ARG A 306 -9.08 -7.98 27.88
CA ARG A 306 -8.08 -7.98 28.94
C ARG A 306 -8.18 -6.69 29.76
N LEU A 307 -8.23 -6.81 31.09
CA LEU A 307 -8.26 -5.60 31.94
C LEU A 307 -6.89 -5.70 32.58
N ILE A 308 -5.97 -4.83 32.18
CA ILE A 308 -4.57 -4.92 32.62
C ILE A 308 -4.08 -3.78 33.47
N VAL A 309 -3.46 -4.12 34.61
CA VAL A 309 -2.92 -3.10 35.50
C VAL A 309 -1.43 -3.01 35.27
N THR A 310 -0.96 -1.82 34.88
CA THR A 310 0.45 -1.59 34.60
C THR A 310 1.11 -0.82 35.78
N LYS A 311 2.42 -0.66 35.74
CA LYS A 311 3.01 0.07 36.88
C LYS A 311 2.86 1.57 36.75
N ASP A 312 2.79 2.06 35.53
CA ASP A 312 2.63 3.50 35.28
C ASP A 312 2.14 3.79 33.87
N LEU A 313 1.89 5.07 33.54
CA LEU A 313 1.45 5.43 32.18
C LEU A 313 2.46 5.13 31.08
N ALA A 314 3.76 5.31 31.34
CA ALA A 314 4.77 5.00 30.35
C ALA A 314 4.61 3.51 29.93
N GLN A 315 4.30 2.63 30.87
CA GLN A 315 4.17 1.22 30.47
C GLN A 315 2.88 0.99 29.67
N CYS A 316 1.84 1.80 29.92
CA CYS A 316 0.60 1.69 29.12
C CYS A 316 0.93 1.97 27.67
N VAL A 317 1.68 3.05 27.44
CA VAL A 317 2.09 3.42 26.10
C VAL A 317 2.97 2.33 25.48
N GLU A 318 3.92 1.78 26.23
CA GLU A 318 4.80 0.76 25.71
C GLU A 318 3.98 -0.49 25.27
N ILE A 319 3.02 -0.90 26.09
CA ILE A 319 2.16 -2.07 25.78
C ILE A 319 1.25 -1.79 24.59
N SER A 320 0.67 -0.59 24.53
CA SER A 320 -0.18 -0.19 23.41
C SER A 320 0.63 -0.23 22.11
N ASN A 321 1.85 0.31 22.12
CA ASN A 321 2.67 0.33 20.91
C ASN A 321 3.04 -1.08 20.43
N GLN A 322 3.20 -2.01 21.36
CA GLN A 322 3.50 -3.39 20.99
C GLN A 322 2.28 -4.04 20.33
N TYR A 323 1.12 -3.86 20.96
CA TYR A 323 -0.12 -4.42 20.44
C TYR A 323 -0.56 -3.76 19.12
N GLY A 324 -0.42 -2.45 18.98
CA GLY A 324 -0.86 -1.83 17.73
C GLY A 324 -2.39 -1.95 17.56
N PRO A 325 -3.16 -1.28 18.44
CA PRO A 325 -4.61 -1.30 18.43
C PRO A 325 -5.22 -0.58 17.25
N GLU A 326 -6.24 -1.18 16.64
CA GLU A 326 -6.95 -0.53 15.54
C GLU A 326 -7.47 0.84 16.05
N HIS A 327 -8.06 0.86 17.25
CA HIS A 327 -8.56 2.10 17.85
C HIS A 327 -7.89 2.23 19.19
N LEU A 328 -7.39 3.43 19.50
CA LEU A 328 -6.74 3.69 20.79
C LEU A 328 -7.47 4.88 21.41
N ILE A 329 -7.96 4.74 22.64
CA ILE A 329 -8.65 5.84 23.33
C ILE A 329 -7.81 6.16 24.56
N ILE A 330 -7.41 7.42 24.67
CA ILE A 330 -6.57 7.84 25.75
C ILE A 330 -7.39 8.71 26.68
N GLN A 331 -7.83 8.10 27.76
CA GLN A 331 -8.63 8.79 28.76
C GLN A 331 -7.75 9.12 29.92
N THR A 332 -6.85 10.08 29.72
CA THR A 332 -5.93 10.51 30.79
C THR A 332 -5.94 12.05 30.86
N ARG A 333 -5.43 12.59 31.96
CA ARG A 333 -5.44 14.04 32.09
C ARG A 333 -4.54 14.74 31.06
N ASN A 334 -3.52 14.07 30.57
CA ASN A 334 -2.59 14.69 29.63
C ASN A 334 -2.60 13.96 28.30
N ALA A 335 -3.80 13.54 27.88
CA ALA A 335 -3.94 12.74 26.66
C ALA A 335 -3.19 13.27 25.45
N ARG A 336 -3.40 14.53 25.14
CA ARG A 336 -2.75 15.14 23.98
C ARG A 336 -1.23 14.96 24.03
N GLU A 337 -0.66 15.11 25.22
CA GLU A 337 0.76 14.97 25.32
C GLU A 337 1.28 13.57 25.12
N LEU A 338 0.42 12.58 25.21
CA LEU A 338 0.90 11.22 25.01
C LEU A 338 0.98 10.88 23.55
N VAL A 339 0.28 11.63 22.69
CA VAL A 339 0.27 11.30 21.28
C VAL A 339 1.58 11.16 20.58
N ASP A 340 2.53 12.08 20.83
CA ASP A 340 3.81 11.95 20.19
C ASP A 340 4.46 10.60 20.53
N SER A 341 4.18 10.02 21.71
CA SER A 341 4.81 8.74 22.06
C SER A 341 4.07 7.53 21.51
N ILE A 342 2.91 7.75 20.90
CA ILE A 342 2.13 6.66 20.31
C ILE A 342 2.72 6.43 18.90
N THR A 343 3.27 5.24 18.67
CA THR A 343 3.89 4.94 17.37
C THR A 343 3.14 3.94 16.48
N SER A 344 2.19 3.22 17.05
CA SER A 344 1.44 2.21 16.29
C SER A 344 0.01 2.09 16.78
N ALA A 345 -0.92 2.59 15.99
CA ALA A 345 -2.36 2.57 16.27
C ALA A 345 -3.06 3.06 15.02
N GLY A 346 -4.31 2.67 14.83
CA GLY A 346 -5.01 3.09 13.62
C GLY A 346 -5.61 4.48 13.79
N SER A 347 -6.55 4.62 14.71
CA SER A 347 -7.16 5.90 14.96
C SER A 347 -7.16 6.12 16.46
N VAL A 348 -6.73 7.31 16.88
CA VAL A 348 -6.61 7.67 18.28
C VAL A 348 -7.67 8.68 18.71
N PHE A 349 -8.22 8.46 19.91
CA PHE A 349 -9.27 9.32 20.43
C PHE A 349 -8.77 9.88 21.75
N LEU A 350 -8.89 11.20 21.93
CA LEU A 350 -8.35 11.85 23.15
C LEU A 350 -9.33 12.47 24.14
N GLY A 351 -9.08 12.24 25.42
CA GLY A 351 -9.90 12.78 26.49
C GLY A 351 -11.21 12.06 26.73
N ASP A 352 -12.01 12.59 27.65
CA ASP A 352 -13.28 11.95 28.00
C ASP A 352 -14.45 12.11 27.07
N TRP A 353 -14.39 13.09 26.15
CA TRP A 353 -15.50 13.39 25.26
C TRP A 353 -15.28 12.90 23.84
N SER A 354 -14.34 11.97 23.68
CA SER A 354 -14.10 11.44 22.34
C SER A 354 -14.37 9.93 22.34
N PRO A 355 -15.66 9.56 22.46
CA PRO A 355 -15.93 8.11 22.43
C PRO A 355 -15.58 7.61 21.03
N GLU A 356 -15.19 6.35 20.92
CA GLU A 356 -14.88 5.82 19.62
C GLU A 356 -16.11 5.94 18.71
N SER A 357 -17.31 5.87 19.28
CA SER A 357 -18.54 5.98 18.47
C SER A 357 -18.51 7.26 17.65
N ALA A 358 -17.86 8.30 18.16
CA ALA A 358 -17.80 9.56 17.41
C ALA A 358 -16.99 9.42 16.12
N GLY A 359 -15.86 8.70 16.19
CA GLY A 359 -15.05 8.48 14.99
C GLY A 359 -15.68 7.40 14.13
N ASP A 360 -16.34 6.40 14.74
CA ASP A 360 -16.98 5.34 13.95
C ASP A 360 -18.06 5.94 13.02
N TYR A 361 -18.70 7.02 13.47
CA TYR A 361 -19.82 7.63 12.72
C TYR A 361 -19.77 9.01 12.10
N ALA A 362 -19.12 9.96 12.75
CA ALA A 362 -19.29 11.31 12.23
C ALA A 362 -18.26 12.36 12.47
N SER A 363 -17.22 12.05 13.22
CA SER A 363 -16.20 13.07 13.47
C SER A 363 -15.54 13.43 12.14
N GLY A 364 -15.42 12.46 11.22
CA GLY A 364 -14.79 12.75 9.94
C GLY A 364 -13.60 11.86 9.64
N THR A 365 -13.01 11.24 10.68
CA THR A 365 -11.86 10.36 10.42
C THR A 365 -12.41 9.11 9.77
N ASN A 366 -11.55 8.25 9.24
CA ASN A 366 -12.06 7.03 8.60
C ASN A 366 -12.14 5.86 9.53
N HIS A 367 -13.23 5.11 9.51
CA HIS A 367 -13.28 3.99 10.46
C HIS A 367 -12.76 2.67 9.87
N VAL A 368 -12.31 2.72 8.63
CA VAL A 368 -11.71 1.54 7.97
C VAL A 368 -10.23 1.66 8.36
N LEU A 369 -9.76 0.74 9.21
CA LEU A 369 -8.41 0.81 9.80
C LEU A 369 -7.77 -0.56 9.91
N PRO A 370 -6.44 -0.61 10.09
CA PRO A 370 -5.72 -1.88 10.22
C PRO A 370 -5.97 -2.56 11.53
N THR A 371 -6.11 -3.90 11.52
CA THR A 371 -6.30 -4.70 12.74
C THR A 371 -5.16 -5.75 12.85
N TYR A 372 -5.19 -6.54 13.92
CA TYR A 372 -4.19 -7.58 14.14
C TYR A 372 -2.75 -7.07 14.31
N GLY A 373 -2.59 -5.80 14.60
CA GLY A 373 -1.24 -5.26 14.75
C GLY A 373 -0.68 -4.77 13.43
N TYR A 374 -1.44 -4.85 12.34
CA TYR A 374 -0.99 -4.39 11.04
C TYR A 374 -0.70 -2.86 11.00
N THR A 375 -1.04 -2.16 12.07
CA THR A 375 -0.76 -0.75 12.11
C THR A 375 0.76 -0.60 12.17
N ALA A 376 1.48 -1.70 12.37
CA ALA A 376 2.96 -1.57 12.40
C ALA A 376 3.49 -1.12 11.01
N THR A 377 2.76 -1.43 9.95
CA THR A 377 3.16 -1.07 8.59
C THR A 377 2.06 -0.47 7.71
N CYS A 378 0.82 -0.56 8.15
CA CYS A 378 -0.29 -0.07 7.34
C CYS A 378 -0.95 1.17 7.91
N SER A 379 -1.48 1.96 7.00
CA SER A 379 -2.19 3.17 7.34
C SER A 379 -3.69 2.99 7.47
N SER A 380 -4.29 3.93 8.19
CA SER A 380 -5.72 4.07 8.27
C SER A 380 -6.07 4.29 6.81
N LEU A 381 -7.27 3.87 6.41
CA LEU A 381 -7.70 4.13 5.04
C LEU A 381 -7.77 5.67 4.98
N GLY A 382 -7.51 6.25 3.83
CA GLY A 382 -7.53 7.71 3.69
C GLY A 382 -7.54 7.98 2.21
N LEU A 383 -7.42 9.25 1.85
CA LEU A 383 -7.43 9.61 0.44
C LEU A 383 -6.37 8.88 -0.41
N ALA A 384 -5.20 8.66 0.18
CA ALA A 384 -4.09 8.08 -0.56
C ALA A 384 -4.40 6.66 -1.09
N ASP A 385 -5.32 5.95 -0.42
CA ASP A 385 -5.66 4.60 -0.85
C ASP A 385 -6.52 4.59 -2.10
N PHE A 386 -6.96 5.74 -2.54
CA PHE A 386 -7.76 5.81 -3.76
C PHE A 386 -7.01 6.49 -4.90
N GLN A 387 -5.70 6.64 -4.74
CA GLN A 387 -4.89 7.27 -5.76
C GLN A 387 -3.49 6.69 -5.77
N LYS A 388 -2.63 7.21 -6.61
CA LYS A 388 -1.26 6.72 -6.69
C LYS A 388 -0.31 7.88 -7.06
N ARG A 389 0.91 7.84 -6.54
CA ARG A 389 1.94 8.86 -6.82
C ARG A 389 2.71 8.46 -8.07
N THR A 391 5.95 9.91 -10.59
CA THR A 391 7.01 10.93 -10.64
C THR A 391 7.25 11.35 -12.10
N VAL A 392 7.80 12.56 -12.24
CA VAL A 392 8.05 13.18 -13.55
C VAL A 392 9.38 13.92 -13.43
N GLN A 393 10.23 13.80 -14.45
CA GLN A 393 11.47 14.53 -14.46
C GLN A 393 11.75 15.11 -15.84
N GLU A 394 12.32 16.29 -15.84
CA GLU A 394 12.74 16.96 -17.07
C GLU A 394 14.09 17.60 -16.81
N LEU A 395 15.11 17.16 -17.54
CA LEU A 395 16.43 17.74 -17.43
C LEU A 395 16.58 18.69 -18.66
N SER A 396 17.11 19.89 -18.42
CA SER A 396 17.32 20.81 -19.52
C SER A 396 18.70 20.41 -20.07
N LYS A 397 19.13 21.01 -21.19
CA LYS A 397 20.46 20.74 -21.73
C LYS A 397 21.50 21.01 -20.69
N GLU A 398 21.36 22.09 -19.95
CA GLU A 398 22.33 22.41 -18.92
C GLU A 398 22.32 21.44 -17.74
N GLY A 399 21.14 21.01 -17.30
CA GLY A 399 21.06 20.09 -16.18
C GLY A 399 21.58 18.72 -16.59
N PHE A 400 21.20 18.24 -17.77
CA PHE A 400 21.72 16.97 -18.25
C PHE A 400 23.25 17.03 -18.38
N SER A 401 23.79 18.09 -18.99
CA SER A 401 25.25 18.19 -19.13
C SER A 401 25.95 18.17 -17.78
N ALA A 402 25.38 18.83 -16.78
CA ALA A 402 26.02 18.88 -15.45
C ALA A 402 26.03 17.50 -14.77
N LEU A 403 25.04 16.67 -15.11
CA LEU A 403 24.88 15.33 -14.52
C LEU A 403 25.45 14.19 -15.33
N ALA A 404 25.71 14.40 -16.62
CA ALA A 404 26.17 13.34 -17.52
C ALA A 404 27.35 12.50 -17.02
N SER A 405 28.42 13.15 -16.59
CA SER A 405 29.57 12.40 -16.11
C SER A 405 29.22 11.50 -14.91
N THR A 406 28.42 12.03 -14.00
CA THR A 406 27.97 11.27 -12.83
C THR A 406 27.23 10.03 -13.28
N ILE A 407 26.29 10.22 -14.20
CA ILE A 407 25.52 9.09 -14.72
C ILE A 407 26.39 8.07 -15.43
N GLU A 408 27.33 8.51 -16.25
CA GLU A 408 28.19 7.55 -16.97
C GLU A 408 29.04 6.72 -16.00
N THR A 409 29.56 7.40 -14.99
CA THR A 409 30.38 6.73 -13.96
C THR A 409 29.57 5.64 -13.27
N LEU A 410 28.36 5.97 -12.87
CA LEU A 410 27.50 5.00 -12.16
C LEU A 410 27.13 3.85 -13.06
N ALA A 411 26.73 4.12 -14.30
CA ALA A 411 26.33 3.06 -15.21
C ALA A 411 27.52 2.15 -15.55
N ALA A 412 28.68 2.76 -15.76
CA ALA A 412 29.91 2.00 -16.04
C ALA A 412 30.22 1.07 -14.86
N ALA A 413 30.08 1.56 -13.62
CA ALA A 413 30.36 0.73 -12.43
C ALA A 413 29.37 -0.45 -12.31
N GLU A 414 28.16 -0.33 -12.86
CA GLU A 414 27.19 -1.43 -12.82
C GLU A 414 27.26 -2.26 -14.09
N ARG A 415 28.23 -1.96 -14.95
CA ARG A 415 28.42 -2.64 -16.23
C ARG A 415 27.19 -2.63 -17.13
N LEU A 416 26.48 -1.49 -17.16
CA LEU A 416 25.29 -1.36 -17.99
C LEU A 416 25.65 -0.39 -19.11
N THR A 417 26.25 -0.94 -20.15
CA THR A 417 26.75 -0.15 -21.26
C THR A 417 25.68 0.62 -22.00
N ALA A 418 24.54 -0.01 -22.24
CA ALA A 418 23.49 0.71 -22.94
C ALA A 418 23.04 1.95 -22.15
N HIS A 419 22.95 1.83 -20.83
CA HIS A 419 22.56 2.96 -19.98
C HIS A 419 23.59 4.07 -20.14
N LYS A 420 24.88 3.69 -20.17
CA LYS A 420 25.98 4.64 -20.32
C LYS A 420 25.91 5.25 -21.72
N ASN A 421 25.75 4.40 -22.75
CA ASN A 421 25.67 4.93 -24.12
C ASN A 421 24.54 5.95 -24.37
N ALA A 422 23.41 5.83 -23.66
CA ALA A 422 22.29 6.75 -23.81
C ALA A 422 22.73 8.14 -23.41
N VAL A 423 23.65 8.21 -22.47
CA VAL A 423 24.18 9.51 -22.01
C VAL A 423 25.25 9.99 -23.03
N THR A 424 26.20 9.13 -23.41
CA THR A 424 27.26 9.49 -24.38
C THR A 424 26.67 10.05 -25.66
N LEU A 425 25.66 9.36 -26.18
CA LEU A 425 25.00 9.90 -27.40
C LEU A 425 24.51 11.34 -27.24
N ARG A 426 23.92 11.65 -26.08
CA ARG A 426 23.42 12.98 -25.87
C ARG A 426 24.53 14.00 -25.67
N VAL A 427 25.56 13.62 -24.91
CA VAL A 427 26.71 14.49 -24.65
C VAL A 427 27.32 14.85 -26.01
N ASN A 428 27.51 13.85 -26.87
CA ASN A 428 28.11 14.14 -28.16
C ASN A 428 27.26 15.05 -29.04
N ALA A 429 25.93 14.86 -29.05
CA ALA A 429 25.05 15.71 -29.83
C ALA A 429 25.13 17.13 -29.33
N LEU A 430 25.14 17.33 -28.01
CA LEU A 430 25.24 18.68 -27.47
C LEU A 430 26.59 19.32 -27.80
N LYS A 431 27.66 18.52 -27.78
CA LYS A 431 29.00 19.06 -28.11
C LYS A 431 28.96 19.56 -29.56
N GLU A 432 28.34 18.80 -30.44
CA GLU A 432 28.25 19.22 -31.84
C GLU A 432 27.37 20.44 -32.07
N GLN A 433 26.39 20.65 -31.21
CA GLN A 433 25.47 21.77 -31.37
C GLN A 433 25.92 22.99 -30.60
N ALA A 434 27.01 22.85 -29.87
CA ALA A 434 27.52 23.95 -29.03
C ALA A 434 28.18 25.10 -29.76
N SER B 2 16.54 -9.45 -38.70
CA SER B 2 15.41 -8.78 -38.07
C SER B 2 14.31 -9.76 -37.66
N PHE B 3 13.93 -9.70 -36.38
CA PHE B 3 12.87 -10.55 -35.87
C PHE B 3 11.65 -9.65 -35.96
N ASN B 4 11.02 -9.62 -37.12
CA ASN B 4 9.87 -8.75 -37.36
C ASN B 4 10.29 -7.29 -37.42
N THR B 5 9.32 -6.39 -37.26
CA THR B 5 9.58 -4.96 -37.29
C THR B 5 8.44 -4.04 -36.80
N ILE B 6 8.01 -3.15 -37.66
CA ILE B 6 7.02 -2.16 -37.30
C ILE B 6 5.54 -2.57 -37.40
N ILE B 7 4.78 -2.25 -36.35
CA ILE B 7 3.36 -2.57 -36.30
C ILE B 7 2.50 -1.35 -36.62
N ASP B 8 1.70 -1.42 -37.68
CA ASP B 8 0.81 -0.28 -37.96
C ASP B 8 -0.43 -0.58 -37.10
N TRP B 9 -0.61 0.22 -36.04
CA TRP B 9 -1.71 -0.02 -35.10
C TRP B 9 -3.11 -0.13 -35.72
N ASN B 10 -3.47 0.84 -36.53
CA ASN B 10 -4.80 0.86 -37.12
C ASN B 10 -5.04 -0.19 -38.23
N SER B 11 -3.99 -0.94 -38.57
CA SER B 11 -4.12 -2.01 -39.56
C SER B 11 -4.41 -3.30 -38.80
N CYS B 12 -4.18 -3.26 -37.49
CA CYS B 12 -4.42 -4.44 -36.67
C CYS B 12 -5.92 -4.61 -36.44
N THR B 13 -6.32 -5.83 -36.05
CA THR B 13 -7.73 -6.09 -35.75
C THR B 13 -7.89 -5.69 -34.29
N ALA B 14 -9.14 -5.53 -33.87
CA ALA B 14 -9.48 -5.17 -32.50
C ALA B 14 -8.87 -6.19 -31.54
N GLU B 15 -8.95 -7.46 -31.91
CA GLU B 15 -8.44 -8.53 -31.07
C GLU B 15 -6.92 -8.40 -30.92
N GLN B 16 -6.22 -8.19 -32.03
CA GLN B 16 -4.77 -8.05 -31.96
C GLN B 16 -4.34 -6.82 -31.10
N GLN B 17 -5.04 -5.69 -31.23
CA GLN B 17 -4.68 -4.50 -30.47
C GLN B 17 -4.77 -4.77 -28.98
N ARG B 18 -5.75 -5.59 -28.58
CA ARG B 18 -5.89 -5.92 -27.16
C ARG B 18 -4.77 -6.89 -26.72
N GLN B 19 -4.39 -7.84 -27.57
CA GLN B 19 -3.31 -8.76 -27.20
C GLN B 19 -1.95 -8.07 -27.26
N LEU B 20 -1.84 -7.04 -28.07
CA LEU B 20 -0.59 -6.31 -28.23
C LEU B 20 -0.23 -5.57 -26.95
N LEU B 21 -1.25 -5.23 -26.16
CA LEU B 21 -1.04 -4.50 -24.92
C LEU B 21 -1.17 -5.36 -23.65
N ARG B 23 0.32 -8.29 -21.03
CA ARG B 23 1.64 -8.65 -20.53
C ARG B 23 1.78 -10.16 -20.33
N PRO B 24 2.98 -10.72 -20.61
CA PRO B 24 3.24 -12.15 -20.45
C PRO B 24 2.94 -12.61 -19.03
N ALA B 25 2.06 -13.59 -18.87
CA ALA B 25 1.71 -14.12 -17.56
C ALA B 25 2.91 -14.84 -16.90
N ILE B 26 2.79 -15.14 -15.60
CA ILE B 26 3.85 -15.84 -14.86
C ILE B 26 3.58 -17.34 -14.78
N SER B 27 4.34 -18.26 -15.33
CA SER B 27 4.01 -19.62 -14.70
C SER B 27 4.26 -19.86 -13.05
N ALA B 28 3.22 -20.02 -12.15
CA ALA B 28 3.22 -20.33 -10.72
C ALA B 28 4.49 -21.09 -10.30
N SER B 29 4.64 -22.31 -10.82
CA SER B 29 5.75 -23.19 -10.52
C SER B 29 5.62 -23.74 -9.12
N GLU B 30 4.84 -24.81 -9.01
CA GLU B 30 4.61 -25.45 -7.73
C GLU B 30 5.94 -25.85 -7.11
N SER B 31 6.94 -26.14 -7.94
CA SER B 31 8.22 -26.56 -7.41
C SER B 31 8.98 -25.43 -6.73
N ILE B 32 8.94 -24.22 -7.29
CA ILE B 32 9.67 -23.13 -6.66
C ILE B 32 8.96 -22.78 -5.36
N THR B 33 7.63 -22.76 -5.40
CA THR B 33 6.83 -22.44 -4.23
C THR B 33 7.14 -23.39 -3.06
N ARG B 34 7.38 -24.66 -3.38
CA ARG B 34 7.66 -25.62 -2.32
C ARG B 34 9.08 -25.51 -1.82
N THR B 35 10.03 -25.26 -2.70
CA THR B 35 11.43 -25.10 -2.30
C THR B 35 11.52 -23.89 -1.36
N VAL B 36 10.88 -22.79 -1.75
CA VAL B 36 10.92 -21.56 -0.95
C VAL B 36 10.18 -21.80 0.37
N ASN B 37 9.06 -22.51 0.27
CA ASN B 37 8.28 -22.82 1.46
C ASN B 37 9.16 -23.52 2.48
N ASP B 38 9.95 -24.48 2.02
CA ASP B 38 10.84 -25.24 2.89
C ASP B 38 12.03 -24.41 3.38
N ILE B 39 12.51 -23.47 2.57
CA ILE B 39 13.61 -22.61 3.00
C ILE B 39 13.11 -21.69 4.11
N LEU B 40 11.90 -21.15 3.95
CA LEU B 40 11.34 -20.25 4.94
C LEU B 40 11.11 -20.96 6.28
N ASP B 41 10.51 -22.15 6.25
CA ASP B 41 10.26 -22.90 7.48
C ASP B 41 11.59 -23.28 8.15
N ASN B 42 12.57 -23.69 7.36
CA ASN B 42 13.87 -24.08 7.90
C ASN B 42 14.61 -22.91 8.53
N VAL B 43 14.61 -21.74 7.88
CA VAL B 43 15.27 -20.58 8.49
C VAL B 43 14.56 -20.13 9.76
N LYS B 44 13.23 -20.16 9.81
CA LYS B 44 12.55 -19.72 11.03
C LYS B 44 12.83 -20.67 12.18
N ALA B 45 12.90 -21.96 11.84
CA ALA B 45 13.11 -22.96 12.88
C ALA B 45 14.53 -23.07 13.36
N ARG B 46 15.49 -23.04 12.43
CA ARG B 46 16.90 -23.22 12.78
C ARG B 46 17.93 -22.09 12.60
N GLY B 47 17.46 -20.85 12.44
CA GLY B 47 18.31 -19.67 12.31
C GLY B 47 19.64 -19.69 11.55
N ASP B 48 20.68 -19.10 12.14
CA ASP B 48 22.00 -19.03 11.50
C ASP B 48 22.50 -20.40 11.03
N GLU B 49 22.20 -21.44 11.80
CA GLU B 49 22.58 -22.82 11.46
C GLU B 49 22.02 -23.13 10.08
N ALA B 50 20.75 -22.79 9.88
CA ALA B 50 20.09 -23.03 8.60
C ALA B 50 20.79 -22.21 7.52
N LEU B 51 21.05 -20.93 7.81
CA LEU B 51 21.71 -20.09 6.81
C LEU B 51 23.11 -20.64 6.47
N ARG B 52 23.91 -21.01 7.47
CA ARG B 52 25.25 -21.53 7.18
C ARG B 52 25.19 -22.82 6.38
N GLU B 53 24.20 -23.66 6.65
CA GLU B 53 24.06 -24.87 5.88
C GLU B 53 23.80 -24.49 4.42
N TYR B 54 22.92 -23.52 4.19
CA TYR B 54 22.62 -23.12 2.82
C TYR B 54 23.89 -22.62 2.13
N SER B 55 24.58 -21.70 2.81
CA SER B 55 25.82 -21.13 2.33
C SER B 55 26.84 -22.22 1.96
N ALA B 56 27.00 -23.19 2.84
CA ALA B 56 27.94 -24.28 2.62
C ALA B 56 27.68 -25.02 1.32
N LYS B 57 26.41 -25.08 0.93
CA LYS B 57 26.04 -25.78 -0.29
C LYS B 57 26.09 -24.93 -1.56
N PHE B 58 26.34 -23.64 -1.41
CA PHE B 58 26.43 -22.79 -2.60
C PHE B 58 27.79 -22.12 -2.76
N ASP B 59 28.15 -21.34 -1.75
CA ASP B 59 29.39 -20.56 -1.73
C ASP B 59 30.71 -21.26 -1.98
N LYS B 60 30.97 -22.46 -1.55
CA LYS B 60 32.34 -22.92 -1.70
C LYS B 60 32.88 -22.31 -0.39
N THR B 61 33.19 -21.00 -0.17
CA THR B 61 33.58 -21.01 1.23
C THR B 61 32.41 -20.62 2.16
N THR B 62 31.99 -21.55 2.99
CA THR B 62 30.89 -21.31 3.91
C THR B 62 31.05 -20.00 4.68
N VAL B 63 29.97 -19.23 4.73
CA VAL B 63 29.97 -17.98 5.48
C VAL B 63 30.27 -18.32 6.93
N THR B 64 30.93 -17.42 7.64
CA THR B 64 31.22 -17.63 9.05
C THR B 64 30.49 -16.51 9.74
N ALA B 65 31.08 -15.31 9.84
CA ALA B 65 30.34 -14.21 10.45
C ALA B 65 29.23 -13.79 9.46
N LEU B 66 27.99 -13.79 9.94
CA LEU B 66 26.90 -13.39 9.07
C LEU B 66 26.94 -11.87 8.89
N LYS B 67 27.34 -11.13 9.90
CA LYS B 67 27.41 -9.68 9.81
C LYS B 67 28.75 -9.16 9.27
N VAL B 68 28.68 -8.23 8.32
CA VAL B 68 29.90 -7.65 7.73
C VAL B 68 30.45 -6.68 8.77
N SER B 69 31.76 -6.75 9.05
CA SER B 69 32.35 -5.87 10.07
C SER B 69 32.63 -4.47 9.60
N ALA B 70 32.80 -3.56 10.53
CA ALA B 70 33.14 -2.19 10.19
C ALA B 70 34.50 -2.14 9.50
N GLU B 71 35.36 -3.08 9.83
CA GLU B 71 36.67 -3.07 9.21
C GLU B 71 36.59 -3.48 7.73
N GLU B 72 35.73 -4.46 7.42
CA GLU B 72 35.58 -4.91 6.04
C GLU B 72 34.96 -3.81 5.20
N ILE B 73 34.08 -3.05 5.83
CA ILE B 73 33.39 -1.94 5.19
C ILE B 73 34.38 -0.83 4.91
N ALA B 74 35.25 -0.53 5.87
CA ALA B 74 36.27 0.51 5.63
C ALA B 74 37.30 0.08 4.57
N ALA B 75 37.66 -1.21 4.52
CA ALA B 75 38.63 -1.63 3.51
C ALA B 75 38.03 -1.52 2.12
N ALA B 76 36.75 -1.88 2.00
CA ALA B 76 36.03 -1.81 0.72
C ALA B 76 35.96 -0.36 0.26
N SER B 77 35.69 0.57 1.16
CA SER B 77 35.61 1.97 0.79
C SER B 77 36.93 2.53 0.27
N GLU B 78 38.04 2.00 0.81
CA GLU B 78 39.37 2.47 0.44
C GLU B 78 39.75 1.99 -0.97
N ARG B 79 39.21 0.85 -1.38
CA ARG B 79 39.51 0.36 -2.70
C ARG B 79 38.77 1.11 -3.81
N LEU B 80 37.67 1.80 -3.49
CA LEU B 80 36.89 2.50 -4.52
C LEU B 80 37.53 3.80 -4.96
N SER B 81 37.28 4.20 -6.20
CA SER B 81 37.85 5.42 -6.73
C SER B 81 37.14 6.64 -6.22
N ASP B 82 37.85 7.76 -6.20
CA ASP B 82 37.27 9.00 -5.76
C ASP B 82 36.15 9.37 -6.75
N GLU B 83 36.37 9.12 -8.04
CA GLU B 83 35.40 9.44 -9.06
C GLU B 83 34.10 8.71 -8.72
N LEU B 84 34.15 7.41 -8.47
CA LEU B 84 32.93 6.68 -8.11
C LEU B 84 32.28 7.18 -6.80
N LYS B 85 33.08 7.40 -5.76
CA LYS B 85 32.50 7.89 -4.52
C LYS B 85 31.82 9.26 -4.72
N GLN B 86 32.42 10.14 -5.52
CA GLN B 86 31.87 11.47 -5.75
C GLN B 86 30.56 11.33 -6.53
N ALA B 87 30.50 10.39 -7.47
CA ALA B 87 29.26 10.19 -8.25
C ALA B 87 28.15 9.67 -7.35
N ALA B 89 27.87 10.30 -4.23
CA ALA B 89 27.46 11.44 -3.39
C ALA B 89 26.50 12.36 -4.12
N VAL B 90 26.76 12.62 -5.40
CA VAL B 90 25.85 13.48 -6.15
C VAL B 90 24.47 12.80 -6.20
N ALA B 91 24.44 11.51 -6.54
CA ALA B 91 23.18 10.78 -6.61
C ALA B 91 22.42 10.83 -5.29
N VAL B 92 23.08 10.46 -4.20
CA VAL B 92 22.41 10.47 -2.91
C VAL B 92 21.91 11.88 -2.58
N LYS B 93 22.67 12.91 -2.90
CA LYS B 93 22.19 14.26 -2.61
C LYS B 93 20.88 14.56 -3.35
N ASN B 94 20.78 14.20 -4.63
CA ASN B 94 19.55 14.51 -5.40
C ASN B 94 18.36 13.67 -4.94
N ILE B 95 18.63 12.41 -4.65
CA ILE B 95 17.56 11.49 -4.16
C ILE B 95 17.06 12.07 -2.83
N GLU B 96 17.99 12.48 -1.96
CA GLU B 96 17.58 13.04 -0.70
C GLU B 96 16.75 14.32 -0.92
N THR B 97 17.17 15.21 -1.80
CA THR B 97 16.39 16.45 -2.00
C THR B 97 14.96 16.19 -2.46
N PHE B 98 14.78 15.31 -3.43
CA PHE B 98 13.44 14.98 -3.92
C PHE B 98 12.56 14.26 -2.92
N HIS B 99 13.12 13.27 -2.23
CA HIS B 99 12.28 12.54 -1.26
C HIS B 99 11.98 13.40 -0.03
N THR B 100 12.89 14.29 0.35
CA THR B 100 12.64 15.19 1.50
C THR B 100 11.46 16.09 1.14
N ALA B 101 11.38 16.47 -0.13
CA ALA B 101 10.29 17.32 -0.59
C ALA B 101 8.94 16.60 -0.55
N GLN B 102 8.94 15.28 -0.31
CA GLN B 102 7.70 14.50 -0.23
C GLN B 102 7.06 14.48 1.17
N LYS B 103 7.71 15.08 2.16
CA LYS B 103 7.15 15.08 3.51
C LYS B 103 5.74 15.61 3.50
N LEU B 104 4.82 14.92 4.20
CA LEU B 104 3.42 15.36 4.21
C LEU B 104 3.24 16.60 5.09
N PRO B 105 2.49 17.61 4.60
CA PRO B 105 2.32 18.81 5.45
C PRO B 105 1.34 18.36 6.57
N PRO B 106 1.27 19.12 7.69
CA PRO B 106 0.34 18.70 8.75
C PRO B 106 -1.13 18.68 8.29
N VAL B 107 -1.91 17.76 8.84
CA VAL B 107 -3.33 17.71 8.50
C VAL B 107 -3.99 17.90 9.86
N ASP B 108 -4.61 19.05 10.04
CA ASP B 108 -5.17 19.39 11.35
C ASP B 108 -6.36 20.32 11.11
N VAL B 109 -7.56 19.78 11.22
CA VAL B 109 -8.75 20.57 10.93
C VAL B 109 -9.89 20.35 11.90
N GLU B 110 -10.68 21.38 12.17
CA GLU B 110 -11.86 21.19 13.00
C GLU B 110 -12.96 20.96 11.97
N THR B 111 -13.45 19.73 11.86
CA THR B 111 -14.48 19.44 10.86
C THR B 111 -15.72 20.29 11.22
N GLN B 112 -15.92 20.52 12.52
CA GLN B 112 -16.98 21.42 13.00
C GLN B 112 -16.35 21.93 14.28
N PRO B 113 -16.84 23.05 14.83
CA PRO B 113 -16.21 23.55 16.06
C PRO B 113 -16.09 22.56 17.20
N GLY B 114 -14.89 22.44 17.75
CA GLY B 114 -14.66 21.53 18.86
C GLY B 114 -14.45 20.08 18.46
N VAL B 115 -14.41 19.79 17.15
CA VAL B 115 -14.18 18.42 16.66
C VAL B 115 -12.86 18.46 15.85
N ARG B 116 -11.73 18.28 16.54
CA ARG B 116 -10.43 18.41 15.90
C ARG B 116 -9.88 17.09 15.38
N CYS B 117 -9.72 16.98 14.07
CA CYS B 117 -9.22 15.74 13.44
C CYS B 117 -7.87 15.96 12.80
N GLN B 118 -6.96 15.03 13.04
CA GLN B 118 -5.64 15.16 12.46
C GLN B 118 -5.20 13.84 11.83
N GLN B 119 -4.24 13.95 10.92
CA GLN B 119 -3.61 12.81 10.30
C GLN B 119 -2.13 13.02 10.56
N VAL B 120 -1.45 12.07 11.19
CA VAL B 120 -0.05 12.26 11.43
C VAL B 120 0.62 11.05 10.82
N THR B 121 1.94 11.08 10.69
CA THR B 121 2.65 9.94 10.13
C THR B 121 3.61 9.39 11.14
N ARG B 122 3.92 8.11 11.03
CA ARG B 122 4.85 7.45 11.93
C ARG B 122 5.66 6.55 11.00
N PRO B 123 6.98 6.49 11.22
CA PRO B 123 7.86 5.68 10.40
C PRO B 123 7.66 4.19 10.63
N VAL B 124 7.91 3.39 9.61
CA VAL B 124 7.89 1.92 9.81
C VAL B 124 9.17 1.78 10.65
N ALA B 125 9.06 1.08 11.78
CA ALA B 125 10.15 0.97 12.74
C ALA B 125 11.40 0.30 12.30
N SER B 126 11.29 -0.85 11.63
CA SER B 126 12.49 -1.51 11.17
C SER B 126 12.28 -1.96 9.75
N VAL B 127 13.24 -1.68 8.89
CA VAL B 127 13.12 -2.10 7.50
C VAL B 127 14.33 -2.89 7.05
N GLY B 128 14.09 -3.86 6.18
CA GLY B 128 15.15 -4.70 5.65
C GLY B 128 15.27 -4.49 4.15
N LEU B 129 16.48 -4.31 3.65
CA LEU B 129 16.67 -4.08 2.22
C LEU B 129 17.38 -5.29 1.61
N TYR B 130 16.93 -5.76 0.46
CA TYR B 130 17.60 -6.88 -0.17
C TYR B 130 18.23 -6.39 -1.49
N ILE B 131 19.50 -6.71 -1.70
CA ILE B 131 20.23 -6.34 -2.93
C ILE B 131 20.85 -7.59 -3.60
N PRO B 132 20.46 -7.92 -4.83
CA PRO B 132 21.02 -9.09 -5.52
C PRO B 132 22.53 -8.93 -5.67
N GLY B 133 23.26 -10.05 -5.68
CA GLY B 133 24.70 -9.98 -5.75
C GLY B 133 25.33 -10.14 -7.13
N GLY B 134 26.52 -10.73 -7.14
CA GLY B 134 27.20 -10.92 -8.41
C GLY B 134 28.40 -10.00 -8.52
N SER B 135 29.16 -10.18 -9.60
CA SER B 135 30.36 -9.37 -9.82
C SER B 135 30.00 -7.91 -10.10
N ALA B 136 28.85 -7.70 -10.74
CA ALA B 136 28.42 -6.33 -11.07
C ALA B 136 27.04 -6.03 -10.54
N PRO B 137 26.90 -5.92 -9.21
CA PRO B 137 25.60 -5.66 -8.61
C PRO B 137 25.14 -4.25 -8.88
N LEU B 138 23.83 -4.08 -8.92
CA LEU B 138 23.23 -2.78 -9.17
C LEU B 138 23.18 -2.08 -7.81
N PHE B 139 24.34 -1.66 -7.33
CA PHE B 139 24.44 -0.99 -6.05
C PHE B 139 23.61 0.31 -5.96
N SER B 140 23.20 0.87 -7.10
CA SER B 140 22.42 2.11 -7.04
C SER B 140 21.10 1.85 -6.30
N THR B 141 20.57 0.63 -6.34
CA THR B 141 19.35 0.36 -5.61
C THR B 141 19.50 0.62 -4.11
N VAL B 142 20.72 0.48 -3.57
CA VAL B 142 20.98 0.74 -2.17
C VAL B 142 20.66 2.22 -1.91
N LEU B 143 21.09 3.11 -2.80
CA LEU B 143 20.82 4.55 -2.59
C LEU B 143 19.30 4.82 -2.67
N LEU B 145 16.88 2.85 -1.84
CA LEU B 145 16.12 2.28 -0.71
C LEU B 145 16.51 2.83 0.64
N ALA B 146 17.81 3.00 0.89
CA ALA B 146 18.28 3.44 2.19
C ALA B 146 18.04 4.89 2.44
N THR B 147 18.07 5.67 1.36
CA THR B 147 17.85 7.12 1.53
C THR B 147 16.46 7.50 2.05
N PRO B 148 15.38 7.02 1.41
CA PRO B 148 14.07 7.41 1.95
C PRO B 148 13.86 6.79 3.34
N ALA B 149 14.43 5.60 3.61
CA ALA B 149 14.29 4.99 4.94
C ALA B 149 14.86 5.97 5.99
N SER B 150 15.99 6.56 5.66
CA SER B 150 16.67 7.52 6.53
C SER B 150 15.81 8.76 6.71
N ILE B 151 15.34 9.33 5.61
CA ILE B 151 14.47 10.53 5.73
C ILE B 151 13.18 10.24 6.53
N ALA B 152 12.56 9.06 6.34
CA ALA B 152 11.35 8.71 7.06
C ALA B 152 11.60 8.60 8.57
N GLY B 153 12.83 8.34 8.98
CA GLY B 153 13.13 8.18 10.40
C GLY B 153 12.96 6.74 10.89
N CYS B 154 13.11 5.76 10.01
CA CYS B 154 13.02 4.36 10.40
C CYS B 154 14.13 4.13 11.44
N LYS B 155 13.84 3.47 12.57
CA LYS B 155 14.88 3.27 13.62
C LYS B 155 15.96 2.25 13.28
N LYS B 156 15.60 1.19 12.58
CA LYS B 156 16.59 0.23 12.19
C LYS B 156 16.49 0.04 10.70
N VAL B 157 17.64 0.10 10.04
CA VAL B 157 17.69 -0.12 8.60
C VAL B 157 18.79 -1.15 8.41
N VAL B 158 18.48 -2.34 7.88
CA VAL B 158 19.50 -3.37 7.65
C VAL B 158 19.44 -3.86 6.21
N LEU B 159 20.52 -4.48 5.77
CA LEU B 159 20.63 -4.92 4.39
C LEU B 159 21.28 -6.30 4.25
N CYS B 160 20.72 -7.09 3.35
CA CYS B 160 21.23 -8.43 3.07
C CYS B 160 21.62 -8.51 1.58
N SER B 161 22.77 -9.11 1.29
CA SER B 161 23.18 -9.28 -0.09
C SER B 161 24.04 -10.57 -0.11
N PRO B 162 23.97 -11.36 -1.20
CA PRO B 162 24.77 -12.60 -1.25
C PRO B 162 26.29 -12.42 -1.13
N PRO B 163 26.96 -13.22 -0.28
CA PRO B 163 28.42 -13.04 -0.18
C PRO B 163 29.14 -13.64 -1.38
N PRO B 164 30.31 -13.10 -1.73
CA PRO B 164 30.96 -11.99 -1.05
C PRO B 164 30.33 -10.70 -1.61
N ILE B 165 30.00 -9.78 -0.71
CA ILE B 165 29.35 -8.51 -1.09
C ILE B 165 30.37 -7.52 -1.66
N ALA B 166 30.11 -7.08 -2.89
CA ALA B 166 30.97 -6.11 -3.60
C ALA B 166 31.23 -4.86 -2.80
N ASP B 167 32.43 -4.31 -2.99
CA ASP B 167 32.81 -3.09 -2.33
C ASP B 167 31.79 -1.95 -2.53
N GLU B 168 31.26 -1.84 -3.76
CA GLU B 168 30.28 -0.80 -4.09
C GLU B 168 29.02 -0.88 -3.19
N ILE B 169 28.51 -2.08 -2.96
CA ILE B 169 27.34 -2.23 -2.11
C ILE B 169 27.68 -1.83 -0.71
N LEU B 170 28.85 -2.25 -0.20
CA LEU B 170 29.24 -1.91 1.16
C LEU B 170 29.41 -0.41 1.29
N TYR B 171 30.01 0.25 0.29
CA TYR B 171 30.20 1.71 0.39
C TYR B 171 28.84 2.42 0.31
N ALA B 172 27.98 1.97 -0.60
CA ALA B 172 26.64 2.61 -0.73
C ALA B 172 25.85 2.50 0.58
N ALA B 173 25.93 1.32 1.20
CA ALA B 173 25.23 1.10 2.48
C ALA B 173 25.70 2.12 3.53
N GLN B 174 27.01 2.17 3.75
CA GLN B 174 27.65 3.07 4.71
C GLN B 174 27.26 4.52 4.40
N LEU B 175 27.37 4.89 3.13
CA LEU B 175 27.04 6.26 2.73
C LEU B 175 25.63 6.67 3.15
N CYS B 176 24.67 5.73 3.06
CA CYS B 176 23.27 6.00 3.39
C CYS B 176 22.84 5.67 4.79
N GLY B 177 23.81 5.44 5.67
CA GLY B 177 23.47 5.16 7.06
C GLY B 177 22.94 3.78 7.40
N VAL B 178 23.15 2.80 6.53
CA VAL B 178 22.63 1.45 6.81
C VAL B 178 23.38 0.90 8.02
N GLN B 179 22.63 0.42 9.01
CA GLN B 179 23.25 -0.03 10.24
C GLN B 179 24.00 -1.34 10.22
N ASP B 180 23.41 -2.33 9.59
CA ASP B 180 24.02 -3.64 9.56
C ASP B 180 23.86 -4.22 8.19
N VAL B 181 24.91 -4.89 7.71
CA VAL B 181 24.88 -5.53 6.40
C VAL B 181 25.20 -7.01 6.64
N PHE B 182 24.40 -7.91 6.10
CA PHE B 182 24.58 -9.35 6.33
C PHE B 182 24.84 -10.17 5.09
N ASN B 183 25.76 -11.12 5.25
CA ASN B 183 26.17 -12.03 4.21
C ASN B 183 25.16 -13.14 3.97
N VAL B 184 24.03 -12.79 3.37
CA VAL B 184 23.04 -13.79 3.07
C VAL B 184 22.28 -13.33 1.83
N GLY B 185 21.87 -14.29 1.01
CA GLY B 185 21.13 -13.95 -0.20
C GLY B 185 19.94 -14.85 -0.45
N GLY B 186 19.24 -14.57 -1.55
CA GLY B 186 18.09 -15.34 -1.98
C GLY B 186 16.93 -15.46 -1.01
N ALA B 187 16.15 -16.49 -1.20
CA ALA B 187 14.99 -16.74 -0.33
C ALA B 187 15.41 -16.87 1.15
N GLN B 188 16.64 -17.32 1.44
CA GLN B 188 17.08 -17.44 2.84
C GLN B 188 17.26 -16.04 3.45
N ALA B 189 17.70 -15.07 2.67
CA ALA B 189 17.88 -13.70 3.22
C ALA B 189 16.51 -13.08 3.51
N ILE B 190 15.55 -13.29 2.61
CA ILE B 190 14.20 -12.77 2.77
C ILE B 190 13.62 -13.39 4.05
N ALA B 191 13.85 -14.68 4.27
CA ALA B 191 13.38 -15.37 5.48
C ALA B 191 14.06 -14.85 6.72
N ALA B 192 15.37 -14.67 6.66
CA ALA B 192 16.11 -14.18 7.84
C ALA B 192 15.57 -12.82 8.27
N LEU B 193 15.29 -11.98 7.28
CA LEU B 193 14.75 -10.65 7.58
C LEU B 193 13.30 -10.72 8.08
N ALA B 194 12.47 -11.59 7.50
CA ALA B 194 11.08 -11.62 7.90
C ALA B 194 10.90 -12.25 9.28
N PHE B 195 11.75 -13.22 9.59
CA PHE B 195 11.62 -13.94 10.87
C PHE B 195 12.61 -13.60 11.98
N GLY B 196 13.81 -13.17 11.58
CA GLY B 196 14.89 -12.88 12.50
C GLY B 196 15.67 -14.19 12.70
N THR B 197 16.97 -14.07 12.98
CA THR B 197 17.79 -15.26 13.32
C THR B 197 18.62 -14.75 14.47
N GLU B 198 19.57 -15.55 14.95
CA GLU B 198 20.35 -15.09 16.08
C GLU B 198 21.14 -13.86 15.68
N SER B 199 21.54 -13.80 14.40
CA SER B 199 22.32 -12.69 13.89
C SER B 199 21.51 -11.62 13.18
N VAL B 200 20.48 -12.04 12.43
CA VAL B 200 19.68 -11.09 11.66
C VAL B 200 18.41 -10.63 12.35
N PRO B 201 18.21 -9.32 12.47
CA PRO B 201 17.00 -8.83 13.12
C PRO B 201 15.70 -9.05 12.31
N LYS B 202 14.61 -9.31 13.02
CA LYS B 202 13.30 -9.44 12.36
C LYS B 202 12.88 -8.00 12.03
N VAL B 203 12.54 -7.75 10.77
CA VAL B 203 12.10 -6.38 10.38
C VAL B 203 10.61 -6.34 10.09
N ASP B 204 10.02 -5.15 10.12
CA ASP B 204 8.58 -4.99 9.86
C ASP B 204 8.29 -5.01 8.38
N LYS B 205 9.24 -4.55 7.57
CA LYS B 205 8.97 -4.48 6.14
C LYS B 205 10.23 -4.68 5.34
N ILE B 206 10.08 -5.42 4.24
CA ILE B 206 11.19 -5.78 3.37
C ILE B 206 11.07 -5.13 1.97
N PHE B 207 12.18 -4.55 1.54
CA PHE B 207 12.22 -3.83 0.27
C PHE B 207 13.26 -4.39 -0.70
N GLY B 208 13.00 -4.26 -1.99
CA GLY B 208 14.03 -4.67 -2.94
C GLY B 208 13.73 -5.82 -3.87
N PRO B 209 14.02 -5.69 -5.16
CA PRO B 209 13.73 -6.81 -6.07
C PRO B 209 14.78 -7.92 -6.12
N GLY B 210 14.43 -9.04 -6.76
CA GLY B 210 15.38 -10.13 -6.86
C GLY B 210 14.87 -11.15 -7.88
N ASN B 211 15.50 -12.32 -7.95
CA ASN B 211 15.07 -13.35 -8.89
C ASN B 211 13.78 -14.04 -8.45
N ALA B 212 13.40 -15.10 -9.20
CA ALA B 212 12.18 -15.83 -8.92
C ALA B 212 12.07 -16.34 -7.46
N PHE B 213 13.19 -16.77 -6.90
CA PHE B 213 13.16 -17.29 -5.53
C PHE B 213 12.99 -16.15 -4.53
N VAL B 214 13.73 -15.08 -4.71
CA VAL B 214 13.60 -13.91 -3.82
C VAL B 214 12.16 -13.42 -3.95
N THR B 215 11.68 -13.26 -5.18
CA THR B 215 10.32 -12.77 -5.40
C THR B 215 9.28 -13.69 -4.74
N GLU B 216 9.44 -15.01 -4.91
CA GLU B 216 8.49 -15.94 -4.31
C GLU B 216 8.60 -15.89 -2.78
N ALA B 217 9.83 -15.73 -2.26
CA ALA B 217 10.04 -15.65 -0.82
C ALA B 217 9.33 -14.40 -0.28
N LYS B 218 9.51 -13.25 -0.94
CA LYS B 218 8.81 -12.04 -0.50
C LYS B 218 7.30 -12.25 -0.56
N ARG B 219 6.84 -12.89 -1.63
CA ARG B 219 5.40 -13.15 -1.73
C ARG B 219 4.94 -13.90 -0.50
N GLN B 220 5.59 -15.04 -0.22
CA GLN B 220 5.22 -15.89 0.92
C GLN B 220 5.26 -15.23 2.29
N VAL B 221 6.31 -14.48 2.60
CA VAL B 221 6.36 -13.84 3.91
C VAL B 221 5.30 -12.75 4.08
N SER B 222 4.87 -12.11 2.98
CA SER B 222 3.86 -11.06 3.07
C SER B 222 2.50 -11.67 3.35
N GLN B 223 2.36 -12.97 3.12
CA GLN B 223 1.09 -13.67 3.35
C GLN B 223 0.96 -14.37 4.71
N ARG B 224 2.05 -14.42 5.48
CA ARG B 224 2.06 -15.07 6.81
C ARG B 224 2.03 -14.02 7.92
N LEU B 225 1.27 -14.27 8.99
CA LEU B 225 1.19 -13.32 10.09
C LEU B 225 2.52 -13.24 10.81
N ASP B 226 3.26 -14.35 10.83
CA ASP B 226 4.60 -14.37 11.45
C ASP B 226 5.71 -13.89 10.47
N GLY B 227 5.29 -13.40 9.30
CA GLY B 227 6.20 -12.92 8.30
C GLY B 227 6.38 -11.43 8.40
N ALA B 228 6.53 -10.75 7.26
CA ALA B 228 6.70 -9.29 7.27
C ALA B 228 6.06 -8.70 6.05
N ALA B 229 5.84 -7.39 6.05
CA ALA B 229 5.26 -6.73 4.89
C ALA B 229 6.36 -6.55 3.81
N ILE B 230 5.95 -6.29 2.56
CA ILE B 230 6.91 -6.07 1.47
C ILE B 230 6.54 -4.79 0.70
N ASP B 231 7.50 -4.25 -0.04
CA ASP B 231 7.27 -3.00 -0.74
C ASP B 231 6.24 -3.04 -1.85
N PRO B 233 4.61 -5.92 -5.19
CA PRO B 233 4.73 -7.16 -5.96
C PRO B 233 5.73 -6.94 -7.08
N ALA B 234 6.14 -8.02 -7.74
CA ALA B 234 7.13 -7.86 -8.79
C ALA B 234 6.68 -8.34 -10.16
N GLY B 235 7.59 -8.21 -11.12
CA GLY B 235 7.32 -8.62 -12.49
C GLY B 235 8.33 -7.96 -13.39
N PRO B 236 8.32 -8.33 -14.70
CA PRO B 236 9.22 -7.81 -15.75
C PRO B 236 9.17 -6.28 -15.90
N SER B 237 10.34 -5.63 -15.98
CA SER B 237 10.38 -4.19 -16.16
C SER B 237 9.98 -3.73 -17.57
N GLU B 238 9.81 -2.41 -17.74
CA GLU B 238 9.36 -1.90 -19.01
C GLU B 238 9.60 -0.42 -19.27
N VAL B 239 9.72 -0.08 -20.55
CA VAL B 239 9.83 1.32 -20.93
C VAL B 239 8.93 1.50 -22.15
N LEU B 240 8.21 2.61 -22.22
CA LEU B 240 7.37 2.91 -23.37
C LEU B 240 7.78 4.30 -23.79
N VAL B 241 8.18 4.45 -25.05
CA VAL B 241 8.59 5.77 -25.48
C VAL B 241 7.56 6.35 -26.42
N ILE B 242 7.17 7.60 -26.21
CA ILE B 242 6.26 8.26 -27.16
C ILE B 242 7.17 9.26 -27.88
N ALA B 243 7.30 9.08 -29.19
CA ALA B 243 8.14 9.96 -30.01
C ALA B 243 7.40 10.58 -31.19
N ASP B 244 7.60 11.87 -31.43
CA ASP B 244 6.95 12.46 -32.62
C ASP B 244 7.98 12.62 -33.74
N SER B 245 7.59 13.32 -34.80
CA SER B 245 8.48 13.53 -35.94
C SER B 245 9.79 14.27 -35.60
N GLY B 246 9.81 15.02 -34.50
CA GLY B 246 11.00 15.75 -34.16
C GLY B 246 12.01 15.00 -33.29
N ALA B 247 11.73 13.74 -32.93
CA ALA B 247 12.65 12.98 -32.07
C ALA B 247 13.90 12.55 -32.82
N THR B 248 14.94 12.19 -32.08
CA THR B 248 16.19 11.73 -32.66
C THR B 248 16.19 10.21 -32.56
N PRO B 249 16.17 9.50 -33.69
CA PRO B 249 16.15 8.01 -33.60
C PRO B 249 17.17 7.43 -32.66
N ASP B 250 18.42 7.90 -32.71
CA ASP B 250 19.39 7.32 -31.82
C ASP B 250 19.10 7.54 -30.37
N PHE B 251 18.46 8.65 -30.02
CA PHE B 251 18.12 8.85 -28.61
C PHE B 251 17.04 7.84 -28.22
N VAL B 252 16.02 7.74 -29.06
CA VAL B 252 14.92 6.83 -28.78
C VAL B 252 15.46 5.43 -28.60
N ALA B 253 16.24 4.99 -29.59
CA ALA B 253 16.82 3.63 -29.60
C ALA B 253 17.68 3.38 -28.36
N SER B 254 18.45 4.40 -27.93
CA SER B 254 19.29 4.20 -26.76
C SER B 254 18.51 3.99 -25.45
N ASP B 255 17.29 4.53 -25.38
CA ASP B 255 16.46 4.41 -24.20
C ASP B 255 15.80 3.03 -24.24
N LEU B 256 15.38 2.61 -25.43
CA LEU B 256 14.80 1.26 -25.55
C LEU B 256 15.87 0.26 -25.17
N LEU B 257 17.09 0.39 -25.71
CA LEU B 257 18.16 -0.53 -25.35
C LEU B 257 18.59 -0.43 -23.90
N SER B 258 18.53 0.76 -23.26
CA SER B 258 18.92 0.77 -21.82
C SER B 258 18.02 -0.15 -21.05
N GLN B 259 16.74 -0.11 -21.36
CA GLN B 259 15.84 -1.01 -20.64
C GLN B 259 15.99 -2.48 -21.10
N ALA B 260 16.20 -2.72 -22.40
CA ALA B 260 16.31 -4.11 -22.90
C ALA B 260 17.46 -4.86 -22.27
N GLU B 261 18.56 -4.15 -22.00
CA GLU B 261 19.75 -4.80 -21.41
C GLU B 261 19.60 -5.25 -19.97
N HIS B 262 18.53 -4.82 -19.29
CA HIS B 262 18.33 -5.22 -17.91
C HIS B 262 18.08 -6.73 -17.77
N GLY B 263 17.31 -7.32 -18.69
CA GLY B 263 16.98 -8.74 -18.59
C GLY B 263 16.27 -9.27 -19.83
N PRO B 264 16.20 -10.60 -20.01
CA PRO B 264 15.53 -11.08 -21.23
C PRO B 264 14.02 -10.92 -21.25
N ASP B 265 13.41 -10.61 -20.12
CA ASP B 265 11.95 -10.44 -20.08
C ASP B 265 11.52 -8.95 -20.08
N SER B 266 12.47 -8.03 -20.25
CA SER B 266 12.13 -6.60 -20.29
C SER B 266 11.28 -6.32 -21.52
N GLN B 267 10.25 -5.51 -21.35
CA GLN B 267 9.38 -5.11 -22.43
C GLN B 267 9.70 -3.68 -22.84
N VAL B 268 9.99 -3.43 -24.12
CA VAL B 268 10.29 -2.08 -24.57
C VAL B 268 9.33 -1.77 -25.71
N ILE B 269 8.72 -0.59 -25.64
CA ILE B 269 7.71 -0.20 -26.59
C ILE B 269 7.91 1.20 -27.09
N LEU B 270 7.70 1.39 -28.38
CA LEU B 270 7.75 2.71 -29.00
C LEU B 270 6.34 2.96 -29.55
N LEU B 271 5.82 4.16 -29.32
CA LEU B 271 4.55 4.59 -29.89
C LEU B 271 4.89 5.85 -30.64
N THR B 272 4.57 5.88 -31.94
CA THR B 272 4.85 7.07 -32.74
C THR B 272 3.85 7.20 -33.90
N PRO B 273 3.42 8.45 -34.17
CA PRO B 273 2.48 8.78 -35.26
C PRO B 273 3.16 8.72 -36.61
N ALA B 274 4.49 8.63 -36.66
CA ALA B 274 5.22 8.63 -37.94
C ALA B 274 5.86 7.32 -38.28
N ALA B 275 5.43 6.69 -39.37
CA ALA B 275 6.01 5.40 -39.77
C ALA B 275 7.51 5.58 -40.01
N ASP B 276 7.88 6.74 -40.53
CA ASP B 276 9.28 7.04 -40.81
C ASP B 276 10.11 6.99 -39.54
N ALA B 278 9.34 5.24 -36.87
CA ALA B 278 9.45 3.84 -36.47
C ALA B 278 10.56 3.10 -37.22
N ARG B 279 10.66 3.26 -38.53
CA ARG B 279 11.70 2.59 -39.29
C ARG B 279 13.09 3.07 -38.86
N ARG B 280 13.27 4.38 -38.70
CA ARG B 280 14.59 4.90 -38.28
C ARG B 280 14.99 4.40 -36.88
N VAL B 281 14.02 4.33 -35.97
CA VAL B 281 14.33 3.84 -34.64
C VAL B 281 14.66 2.36 -34.74
N ALA B 282 13.96 1.59 -35.59
CA ALA B 282 14.28 0.15 -35.68
C ALA B 282 15.73 -0.07 -36.19
N GLU B 283 16.16 0.73 -37.14
CA GLU B 283 17.53 0.61 -37.68
C GLU B 283 18.55 0.99 -36.62
N ALA B 284 18.29 2.10 -35.91
CA ALA B 284 19.15 2.56 -34.82
C ALA B 284 19.24 1.49 -33.75
N VAL B 285 18.11 0.88 -33.38
CA VAL B 285 18.15 -0.16 -32.37
C VAL B 285 19.06 -1.28 -32.87
N GLU B 286 18.91 -1.66 -34.14
CA GLU B 286 19.76 -2.74 -34.67
C GLU B 286 21.26 -2.33 -34.73
N ARG B 287 21.56 -1.11 -35.12
CA ARG B 287 22.98 -0.70 -35.17
C ARG B 287 23.59 -0.58 -33.78
N GLN B 288 22.85 -0.02 -32.81
CA GLN B 288 23.37 0.13 -31.46
C GLN B 288 23.52 -1.19 -30.76
N LEU B 289 22.57 -2.09 -31.00
CA LEU B 289 22.62 -3.41 -30.37
C LEU B 289 23.94 -4.12 -30.75
N ALA B 290 24.32 -4.00 -32.02
CA ALA B 290 25.52 -4.66 -32.57
C ALA B 290 26.77 -4.27 -31.81
N GLU B 291 26.76 -3.09 -31.20
CA GLU B 291 27.91 -2.60 -30.42
C GLU B 291 27.89 -2.91 -28.92
N LEU B 292 26.84 -3.53 -28.40
CA LEU B 292 26.78 -3.78 -26.96
C LEU B 292 27.61 -4.98 -26.57
N PRO B 293 28.59 -4.77 -25.64
CA PRO B 293 29.56 -5.72 -25.07
C PRO B 293 29.00 -7.09 -24.80
N ARG B 294 27.73 -7.11 -24.45
CA ARG B 294 27.04 -8.34 -24.10
C ARG B 294 25.57 -8.03 -24.36
N ALA B 295 25.23 -8.13 -25.65
CA ALA B 295 23.93 -7.87 -26.25
C ALA B 295 23.04 -9.12 -26.34
N GLU B 296 23.43 -10.23 -25.71
CA GLU B 296 22.62 -11.45 -25.81
C GLU B 296 21.31 -11.24 -25.10
N THR B 297 21.40 -10.65 -23.91
CA THR B 297 20.23 -10.34 -23.11
C THR B 297 19.32 -9.31 -23.80
N ALA B 298 19.90 -8.25 -24.35
CA ALA B 298 19.08 -7.23 -25.00
C ALA B 298 18.39 -7.79 -26.24
N ARG B 299 19.10 -8.64 -26.98
CA ARG B 299 18.54 -9.25 -28.16
C ARG B 299 17.30 -10.04 -27.82
N GLN B 300 17.37 -10.78 -26.73
CA GLN B 300 16.22 -11.57 -26.30
C GLN B 300 15.03 -10.66 -25.96
N ALA B 301 15.28 -9.65 -25.12
CA ALA B 301 14.22 -8.72 -24.76
C ALA B 301 13.57 -8.08 -26.00
N LEU B 302 14.37 -7.76 -27.01
CA LEU B 302 13.83 -7.12 -28.21
C LEU B 302 12.84 -7.98 -28.98
N ASN B 303 12.83 -9.28 -28.75
CA ASN B 303 11.83 -10.13 -29.42
C ASN B 303 10.41 -9.83 -28.93
N ALA B 304 10.27 -9.24 -27.75
CA ALA B 304 8.93 -8.90 -27.30
C ALA B 304 8.69 -7.42 -27.51
N SER B 305 9.67 -6.71 -28.09
CA SER B 305 9.49 -5.26 -28.27
C SER B 305 8.41 -4.99 -29.31
N ARG B 306 7.77 -3.83 -29.21
CA ARG B 306 6.75 -3.44 -30.16
C ARG B 306 7.03 -2.01 -30.58
N LEU B 307 7.21 -1.77 -31.89
CA LEU B 307 7.47 -0.42 -32.42
C LEU B 307 6.16 -0.12 -33.15
N ILE B 308 5.31 0.63 -32.49
CA ILE B 308 3.98 0.87 -33.04
C ILE B 308 3.75 2.19 -33.67
N VAL B 309 3.17 2.16 -34.88
CA VAL B 309 2.82 3.37 -35.59
C VAL B 309 1.33 3.67 -35.32
N THR B 310 1.03 4.89 -34.92
CA THR B 310 -0.34 5.23 -34.58
C THR B 310 -0.80 6.34 -35.51
N LYS B 311 -2.04 6.80 -35.31
CA LYS B 311 -2.62 7.89 -36.13
C LYS B 311 -2.10 9.27 -35.70
N ASP B 312 -1.98 9.48 -34.40
CA ASP B 312 -1.55 10.75 -33.86
C ASP B 312 -1.09 10.63 -32.41
N LEU B 313 -0.72 11.75 -31.79
CA LEU B 313 -0.25 11.72 -30.40
C LEU B 313 -1.36 11.41 -29.42
N ALA B 314 -2.57 11.86 -29.69
CA ALA B 314 -3.68 11.56 -28.81
C ALA B 314 -3.81 10.01 -28.72
N GLN B 315 -3.64 9.30 -29.83
CA GLN B 315 -3.76 7.84 -29.77
C GLN B 315 -2.56 7.22 -29.02
N CYS B 316 -1.40 7.85 -29.09
CA CYS B 316 -0.23 7.36 -28.35
C CYS B 316 -0.56 7.41 -26.88
N VAL B 317 -1.17 8.52 -26.46
CA VAL B 317 -1.52 8.70 -25.07
C VAL B 317 -2.59 7.69 -24.62
N GLU B 318 -3.59 7.43 -25.47
CA GLU B 318 -4.65 6.46 -25.12
C GLU B 318 -4.05 5.08 -24.92
N ILE B 319 -3.16 4.67 -25.84
CA ILE B 319 -2.51 3.35 -25.75
C ILE B 319 -1.60 3.22 -24.52
N SER B 320 -0.80 4.25 -24.26
CA SER B 320 0.10 4.21 -23.11
C SER B 320 -0.75 4.12 -21.80
N ASN B 321 -1.81 4.93 -21.69
CA ASN B 321 -2.68 4.93 -20.50
C ASN B 321 -3.29 3.54 -20.29
N GLN B 322 -3.62 2.86 -21.36
CA GLN B 322 -4.17 1.50 -21.22
C GLN B 322 -3.07 0.53 -20.72
N TYR B 323 -1.86 0.66 -21.24
CA TYR B 323 -0.75 -0.20 -20.84
C TYR B 323 -0.25 0.12 -19.42
N GLY B 324 -0.07 1.40 -19.09
CA GLY B 324 0.44 1.79 -17.78
C GLY B 324 1.87 1.33 -17.65
N PRO B 325 2.79 1.91 -18.44
CA PRO B 325 4.21 1.51 -18.39
C PRO B 325 4.99 1.89 -17.13
N GLU B 326 5.91 1.04 -16.70
CA GLU B 326 6.76 1.34 -15.53
C GLU B 326 7.48 2.68 -15.78
N HIS B 327 8.10 2.85 -16.96
CA HIS B 327 8.77 4.12 -17.29
C HIS B 327 8.13 4.62 -18.57
N LEU B 328 7.82 5.92 -18.63
CA LEU B 328 7.23 6.51 -19.81
C LEU B 328 8.18 7.61 -20.22
N ILE B 329 8.64 7.57 -21.47
CA ILE B 329 9.56 8.59 -21.95
C ILE B 329 8.85 9.33 -23.08
N ILE B 330 8.79 10.65 -22.99
CA ILE B 330 8.05 11.42 -23.98
C ILE B 330 8.98 12.34 -24.74
N GLN B 331 9.32 11.90 -25.96
CA GLN B 331 10.19 12.69 -26.82
C GLN B 331 9.35 13.28 -27.93
N THR B 332 8.58 14.32 -27.59
CA THR B 332 7.69 15.05 -28.52
C THR B 332 7.91 16.52 -28.27
N ARG B 333 7.53 17.36 -29.23
CA ARG B 333 7.75 18.79 -29.06
C ARG B 333 7.02 19.40 -27.86
N ASN B 334 5.82 18.90 -27.60
CA ASN B 334 4.98 19.40 -26.53
C ASN B 334 4.98 18.40 -25.37
N ALA B 335 6.13 17.85 -25.01
CA ALA B 335 6.15 16.80 -23.99
C ALA B 335 5.44 17.13 -22.71
N ARG B 336 5.82 18.25 -22.06
CA ARG B 336 5.20 18.58 -20.80
C ARG B 336 3.69 18.76 -20.85
N GLU B 337 3.17 19.30 -21.94
CA GLU B 337 1.72 19.50 -22.08
C GLU B 337 0.98 18.16 -22.08
N LEU B 338 1.65 17.09 -22.49
CA LEU B 338 1.01 15.76 -22.49
C LEU B 338 0.86 15.12 -21.11
N VAL B 339 1.69 15.53 -20.15
CA VAL B 339 1.65 14.95 -18.80
C VAL B 339 0.29 15.01 -18.11
N ASP B 340 -0.44 16.10 -18.28
CA ASP B 340 -1.75 16.18 -17.68
C ASP B 340 -2.65 15.04 -18.15
N SER B 341 -2.48 14.57 -19.39
CA SER B 341 -3.32 13.50 -19.91
C SER B 341 -2.80 12.09 -19.61
N ILE B 342 -1.61 12.00 -19.02
CA ILE B 342 -1.10 10.69 -18.63
C ILE B 342 -1.78 10.28 -17.32
N THR B 343 -2.47 9.14 -17.32
CA THR B 343 -3.19 8.69 -16.13
C THR B 343 -2.53 7.51 -15.44
N SER B 344 -1.65 6.78 -16.14
CA SER B 344 -1.00 5.61 -15.54
C SER B 344 0.44 5.42 -16.05
N ALA B 345 1.41 5.50 -15.15
CA ALA B 345 2.80 5.32 -15.52
C ALA B 345 3.55 5.43 -14.23
N GLY B 346 4.69 4.76 -14.11
CA GLY B 346 5.46 4.83 -12.86
C GLY B 346 6.28 6.12 -12.73
N SER B 347 7.16 6.34 -13.69
CA SER B 347 8.01 7.54 -13.72
C SER B 347 8.02 8.04 -15.15
N VAL B 348 7.90 9.35 -15.33
CA VAL B 348 7.83 9.96 -16.65
C VAL B 348 9.08 10.81 -16.89
N PHE B 349 9.59 10.76 -18.12
CA PHE B 349 10.80 11.45 -18.54
C PHE B 349 10.43 12.38 -19.70
N LEU B 350 10.75 13.66 -19.61
CA LEU B 350 10.34 14.56 -20.69
C LEU B 350 11.45 15.14 -21.53
N GLY B 351 11.24 15.17 -22.85
CA GLY B 351 12.23 15.76 -23.72
C GLY B 351 13.46 14.93 -24.09
N ASP B 352 14.30 15.51 -24.95
CA ASP B 352 15.47 14.83 -25.46
C ASP B 352 16.57 14.57 -24.47
N TRP B 353 16.64 15.38 -23.42
CA TRP B 353 17.77 15.31 -22.48
C TRP B 353 17.46 14.59 -21.16
N SER B 354 16.41 13.79 -21.15
CA SER B 354 16.01 13.08 -19.94
C SER B 354 16.05 11.56 -20.19
N PRO B 355 17.24 10.98 -20.40
CA PRO B 355 17.26 9.52 -20.64
C PRO B 355 16.78 8.77 -19.43
N GLU B 356 16.34 7.52 -19.62
CA GLU B 356 15.96 6.76 -18.46
C GLU B 356 17.15 6.67 -17.51
N SER B 357 18.38 6.56 -18.06
CA SER B 357 19.62 6.49 -17.26
C SER B 357 19.70 7.62 -16.24
N ALA B 358 19.30 8.83 -16.66
CA ALA B 358 19.35 9.95 -15.71
C ALA B 358 18.46 9.67 -14.47
N GLY B 359 17.29 9.06 -14.64
CA GLY B 359 16.42 8.73 -13.48
C GLY B 359 16.90 7.49 -12.69
N ASP B 360 17.41 6.49 -13.41
CA ASP B 360 17.92 5.27 -12.81
C ASP B 360 19.02 5.59 -11.82
N TYR B 361 19.83 6.61 -12.12
CA TYR B 361 20.99 6.96 -11.30
C TYR B 361 21.09 8.24 -10.52
N ALA B 362 20.68 9.37 -11.09
CA ALA B 362 20.97 10.62 -10.37
C ALA B 362 20.04 11.80 -10.43
N SER B 363 18.91 11.71 -11.12
CA SER B 363 18.06 12.87 -11.16
C SER B 363 17.51 13.17 -9.75
N GLY B 364 17.26 12.11 -8.98
CA GLY B 364 16.68 12.24 -7.64
C GLY B 364 15.38 11.43 -7.47
N THR B 365 14.73 11.06 -8.57
CA THR B 365 13.49 10.31 -8.47
C THR B 365 13.88 8.87 -8.08
N ASN B 366 12.89 8.10 -7.63
CA ASN B 366 13.19 6.73 -7.24
C ASN B 366 13.07 5.78 -8.41
N HIS B 367 14.06 4.87 -8.60
CA HIS B 367 13.96 3.96 -9.74
C HIS B 367 13.23 2.66 -9.38
N VAL B 368 12.83 2.52 -8.11
CA VAL B 368 12.07 1.33 -7.70
C VAL B 368 10.61 1.70 -8.05
N LEU B 369 10.04 1.05 -9.05
CA LEU B 369 8.73 1.42 -9.58
C LEU B 369 7.86 0.24 -9.87
N PRO B 370 6.54 0.46 -9.93
CA PRO B 370 5.61 -0.64 -10.22
C PRO B 370 5.71 -1.07 -11.68
N THR B 371 5.68 -2.35 -11.90
CA THR B 371 5.76 -2.82 -13.25
C THR B 371 4.65 -3.85 -13.44
N TYR B 372 4.67 -4.50 -14.59
CA TYR B 372 3.74 -5.58 -14.87
C TYR B 372 2.30 -5.18 -14.64
N GLY B 373 1.98 -3.94 -15.00
CA GLY B 373 0.63 -3.42 -14.90
C GLY B 373 0.21 -2.82 -13.57
N TYR B 374 1.00 -3.08 -12.54
CA TYR B 374 0.71 -2.59 -11.21
C TYR B 374 0.61 -1.08 -11.02
N THR B 375 0.94 -0.31 -12.06
CA THR B 375 0.84 1.14 -11.98
C THR B 375 -0.63 1.49 -11.92
N ALA B 376 -1.50 0.53 -12.22
CA ALA B 376 -2.95 0.77 -12.16
C ALA B 376 -3.34 1.20 -10.76
N THR B 377 -2.68 0.62 -9.75
CA THR B 377 -3.00 0.97 -8.36
C THR B 377 -1.83 1.27 -7.45
N CYS B 378 -0.61 0.91 -7.85
CA CYS B 378 0.58 1.13 -7.01
C CYS B 378 1.36 2.39 -7.41
N SER B 379 2.12 2.92 -6.47
CA SER B 379 2.89 4.13 -6.71
C SER B 379 4.36 3.83 -6.82
N SER B 380 5.08 4.79 -7.38
CA SER B 380 6.54 4.75 -7.39
C SER B 380 6.94 4.57 -5.92
N LEU B 381 8.06 3.89 -5.65
CA LEU B 381 8.50 3.80 -4.26
C LEU B 381 8.74 5.28 -3.92
N GLY B 382 8.39 5.67 -2.70
CA GLY B 382 8.62 7.04 -2.25
C GLY B 382 8.72 7.05 -0.73
N LEU B 383 8.80 8.24 -0.15
CA LEU B 383 8.85 8.41 1.30
C LEU B 383 7.65 7.70 1.98
N ALA B 384 6.46 7.80 1.39
CA ALA B 384 5.26 7.20 1.97
C ALA B 384 5.38 5.69 2.21
N ASP B 385 6.25 5.00 1.48
CA ASP B 385 6.37 3.55 1.66
C ASP B 385 7.16 3.16 2.89
N PHE B 386 7.80 4.13 3.52
CA PHE B 386 8.59 3.89 4.70
C PHE B 386 7.90 4.40 5.97
N GLN B 387 6.63 4.76 5.84
CA GLN B 387 5.90 5.28 6.99
C GLN B 387 4.43 4.92 6.89
N LYS B 388 3.62 5.36 7.86
CA LYS B 388 2.21 5.08 7.79
C LYS B 388 1.41 6.23 8.40
N ARG B 389 0.21 6.40 7.90
CA ARG B 389 -0.70 7.46 8.36
C ARG B 389 -1.53 6.97 9.53
N THR B 391 -4.62 8.45 12.35
CA THR B 391 -5.51 9.58 12.61
C THR B 391 -5.72 9.79 14.10
N VAL B 392 -6.10 11.01 14.43
CA VAL B 392 -6.29 11.40 15.82
C VAL B 392 -7.48 12.32 15.88
N GLN B 393 -8.30 12.20 16.92
CA GLN B 393 -9.41 13.15 17.06
C GLN B 393 -9.62 13.49 18.50
N GLU B 394 -9.94 14.75 18.76
CA GLU B 394 -10.26 15.17 20.13
C GLU B 394 -11.50 16.07 20.03
N LEU B 395 -12.58 15.68 20.71
CA LEU B 395 -13.78 16.52 20.69
C LEU B 395 -13.84 17.25 22.04
N SER B 396 -14.14 18.53 22.03
CA SER B 396 -14.26 19.26 23.30
C SER B 396 -15.67 18.90 23.83
N LYS B 397 -16.05 19.38 25.02
CA LYS B 397 -17.39 19.11 25.54
C LYS B 397 -18.37 19.71 24.58
N GLU B 398 -18.07 20.90 24.09
CA GLU B 398 -18.98 21.51 23.16
C GLU B 398 -19.06 20.79 21.80
N GLY B 399 -17.92 20.38 21.26
CA GLY B 399 -17.92 19.71 19.96
C GLY B 399 -18.68 18.41 20.11
N PHE B 400 -18.39 17.68 21.18
CA PHE B 400 -19.11 16.42 21.41
C PHE B 400 -20.61 16.65 21.56
N SER B 401 -21.00 17.65 22.36
CA SER B 401 -22.43 17.91 22.56
C SER B 401 -23.14 18.22 21.27
N ALA B 402 -22.50 18.95 20.38
CA ALA B 402 -23.15 19.33 19.15
C ALA B 402 -23.28 18.16 18.16
N LEU B 403 -22.43 17.16 18.33
CA LEU B 403 -22.44 16.02 17.41
C LEU B 403 -23.16 14.78 17.96
N ALA B 404 -23.43 14.78 19.27
CA ALA B 404 -24.04 13.62 19.94
C ALA B 404 -25.32 13.05 19.35
N SER B 405 -26.30 13.91 19.10
CA SER B 405 -27.55 13.41 18.52
C SER B 405 -27.34 12.76 17.16
N THR B 406 -26.46 13.36 16.36
CA THR B 406 -26.18 12.79 15.04
C THR B 406 -25.59 11.39 15.22
N ILE B 407 -24.64 11.25 16.13
CA ILE B 407 -24.02 9.93 16.34
C ILE B 407 -25.04 8.92 16.87
N GLU B 408 -25.92 9.38 17.77
CA GLU B 408 -26.93 8.48 18.34
C GLU B 408 -27.88 7.99 17.29
N THR B 409 -28.28 8.92 16.41
CA THR B 409 -29.17 8.57 15.31
C THR B 409 -28.58 7.49 14.42
N LEU B 410 -27.33 7.67 14.03
CA LEU B 410 -26.67 6.72 13.16
C LEU B 410 -26.46 5.38 13.84
N ALA B 411 -26.04 5.39 15.10
CA ALA B 411 -25.80 4.11 15.79
C ALA B 411 -27.14 3.40 15.96
N ALA B 412 -28.22 4.14 16.24
CA ALA B 412 -29.52 3.48 16.40
C ALA B 412 -29.96 2.84 15.10
N ALA B 413 -29.70 3.53 13.97
CA ALA B 413 -30.09 3.02 12.66
C ALA B 413 -29.35 1.73 12.27
N GLU B 414 -28.12 1.51 12.80
CA GLU B 414 -27.34 0.27 12.57
C GLU B 414 -27.62 -0.76 13.70
N ARG B 415 -28.54 -0.39 14.61
CA ARG B 415 -28.93 -1.22 15.75
C ARG B 415 -27.71 -1.63 16.58
N LEU B 416 -26.85 -0.65 16.87
CA LEU B 416 -25.65 -0.89 17.67
C LEU B 416 -25.83 -0.05 18.92
N THR B 417 -26.61 -0.61 19.85
CA THR B 417 -26.96 0.12 21.06
C THR B 417 -25.75 0.45 21.95
N ALA B 418 -24.76 -0.43 22.02
CA ALA B 418 -23.59 -0.09 22.84
C ALA B 418 -22.92 1.17 22.28
N HIS B 419 -22.82 1.28 20.95
CA HIS B 419 -22.19 2.45 20.32
C HIS B 419 -22.98 3.67 20.72
N LYS B 420 -24.30 3.51 20.72
CA LYS B 420 -25.21 4.61 21.09
C LYS B 420 -25.06 4.98 22.56
N ASN B 421 -24.99 3.96 23.42
CA ASN B 421 -24.85 4.18 24.88
C ASN B 421 -23.59 4.91 25.30
N ALA B 422 -22.49 4.77 24.54
CA ALA B 422 -21.25 5.45 24.91
C ALA B 422 -21.48 6.95 24.73
N VAL B 423 -22.40 7.30 23.84
CA VAL B 423 -22.71 8.72 23.63
C VAL B 423 -23.68 9.18 24.70
N THR B 424 -24.75 8.42 24.92
CA THR B 424 -25.74 8.80 25.95
C THR B 424 -25.15 9.05 27.35
N LEU B 425 -24.27 8.15 27.81
CA LEU B 425 -23.59 8.28 29.11
C LEU B 425 -22.89 9.64 29.24
N ARG B 426 -22.20 10.08 28.19
CA ARG B 426 -21.51 11.36 28.23
C ARG B 426 -22.49 12.54 28.20
N VAL B 427 -23.54 12.45 27.40
CA VAL B 427 -24.55 13.54 27.31
C VAL B 427 -25.14 13.70 28.72
N ASN B 428 -25.47 12.59 29.37
CA ASN B 428 -26.04 12.68 30.73
C ASN B 428 -25.06 13.23 31.76
N ALA B 429 -23.80 12.80 31.72
CA ALA B 429 -22.80 13.32 32.67
C ALA B 429 -22.62 14.83 32.48
N LEU B 430 -22.71 15.31 31.23
CA LEU B 430 -22.56 16.75 30.97
C LEU B 430 -23.79 17.56 31.46
N LYS B 431 -24.98 17.02 31.27
CA LYS B 431 -26.20 17.70 31.75
C LYS B 431 -26.09 17.75 33.27
N GLU B 432 -25.72 16.63 33.88
CA GLU B 432 -25.57 16.52 35.34
C GLU B 432 -24.68 17.58 35.97
N GLN B 433 -23.66 18.02 35.23
CA GLN B 433 -22.73 19.02 35.75
C GLN B 433 -23.16 20.38 35.25
N ALA B 434 -24.04 20.39 34.25
CA ALA B 434 -24.51 21.62 33.63
C ALA B 434 -25.94 21.49 33.08
#